data_7NT8
#
_entry.id   7NT8
#
_cell.length_a   87.775
_cell.length_b   63.376
_cell.length_c   105.950
_cell.angle_alpha   90.000
_cell.angle_beta   98.318
_cell.angle_gamma   90.000
#
_symmetry.space_group_name_H-M   'P 1 21 1'
#
loop_
_entity.id
_entity.type
_entity.pdbx_description
1 polymer 'Glutathione S-transferase class-mu 26 kDa isozyme,Nucleoprotein'
2 water water
#
_entity_poly.entity_id   1
_entity_poly.type   'polypeptide(L)'
_entity_poly.pdbx_seq_one_letter_code
;MSPILGYWKIKGLVQPTRLLLEYLEEKYEEHLYERDEGDKWRNKKFELGLEFPNLPYYIDGDVKLTQSMAIIRYIADKHN
MLGGCPKERAEISMLEGAVLDIRYGVSRIAYSKDFETLKVDFLSKLPEMLKMFEDRLCHKTYLNGDHVTHPDFMLYDALD
VVLYMDPMCLDAFPKLVCFKKRIEAIPQIDKYLKSSKYIAWPLQGWQATFGGGDHPPKSDLEVLFQGPLGSMASQGTKRS
YEQMETDGERQNATEIRASVGKMIDGIGRFYIQMCTELKLSDYEGRLIQNSLTIERMVLSAFDERRNKYLEEHPSAGKDP
KKTGGPIYKRVDGKWMRELVLYDKGEIRRIWRQANNGDDATAGLTHMMIWHSNLNDTTYQRTRALVRTGMDPRMCSLMQG
STLPRRSGAAGAAVKGVGTMVMELIRMIKRGINDRNFWRGENGRKTRSAYERMCNILKGKFQTAAQRAMMDQVRESRNPG
NAEIEDLIFLARSALILRGSVAHKSCLPACVYGPAVASGYDFEKEGYSLVGIDPFKLLQNSQVYSLIRPNENPAHKSQLV
WMACNSAAFEDLRVLSFIRGTKVSPRGKLSTRGVQIASNENMDAMESSTLELRSRYWAIRTRSGGNTNQQRASAGQISVQ
PAFSVQRNLPFDKPTIMAAFTGNTEGRTSDMRAEIIRMMEGAKPEEMSFQGRGVFELSDEKAANPIVPSFDMSNEGSYFF
GDNAEEYDN
;
_entity_poly.pdbx_strand_id   A,B
#
# COMPACT_ATOMS: atom_id res chain seq x y z
N ASN A 252 7.59 -7.18 17.28
CA ASN A 252 7.94 -6.67 18.61
C ASN A 252 6.93 -5.63 19.05
N ALA A 253 7.07 -5.18 20.31
CA ALA A 253 6.28 -4.08 20.83
C ALA A 253 7.01 -2.74 20.76
N THR A 254 8.32 -2.76 20.53
CA THR A 254 9.10 -1.54 20.35
C THR A 254 9.30 -1.18 18.88
N GLU A 255 9.31 -2.18 17.99
CA GLU A 255 9.44 -1.91 16.57
C GLU A 255 8.13 -1.43 15.96
N ILE A 256 7.00 -1.81 16.55
CA ILE A 256 5.72 -1.22 16.14
C ILE A 256 5.69 0.24 16.55
N ARG A 257 6.33 0.59 17.67
CA ARG A 257 6.42 1.98 18.07
C ARG A 257 7.38 2.75 17.18
N ALA A 258 8.35 2.07 16.58
CA ALA A 258 9.29 2.74 15.68
C ALA A 258 8.68 2.97 14.31
N SER A 259 7.93 2.00 13.78
CA SER A 259 7.28 2.17 12.49
C SER A 259 6.18 3.23 12.57
N VAL A 260 5.46 3.29 13.69
CA VAL A 260 4.51 4.37 13.89
C VAL A 260 5.24 5.70 14.05
N GLY A 261 6.43 5.67 14.65
CA GLY A 261 7.17 6.90 14.86
C GLY A 261 7.63 7.52 13.55
N LYS A 262 8.22 6.72 12.67
CA LYS A 262 8.70 7.25 11.41
C LYS A 262 7.56 7.82 10.57
N MET A 263 6.35 7.26 10.72
CA MET A 263 5.20 7.83 10.04
C MET A 263 4.96 9.26 10.50
N ILE A 264 4.94 9.47 11.82
CA ILE A 264 4.73 10.81 12.36
C ILE A 264 5.83 11.75 11.88
N ASP A 265 7.08 11.27 11.88
CA ASP A 265 8.18 12.08 11.38
C ASP A 265 7.91 12.55 9.96
N GLY A 266 7.42 11.66 9.10
CA GLY A 266 7.14 12.03 7.73
C GLY A 266 6.09 13.12 7.62
N ILE A 267 5.04 13.02 8.42
CA ILE A 267 4.00 14.04 8.41
C ILE A 267 4.59 15.38 8.87
N GLY A 268 5.37 15.34 9.95
CA GLY A 268 5.97 16.58 10.43
C GLY A 268 6.92 17.19 9.42
N ARG A 269 7.89 16.40 8.96
CA ARG A 269 8.84 16.91 7.97
C ARG A 269 8.14 17.40 6.72
N PHE A 270 7.03 16.78 6.35
CA PHE A 270 6.25 17.30 5.22
C PHE A 270 5.67 18.66 5.56
N TYR A 271 4.99 18.77 6.71
CA TYR A 271 4.38 20.04 7.10
C TYR A 271 5.42 21.14 7.19
N ILE A 272 6.57 20.84 7.78
CA ILE A 272 7.64 21.83 7.89
C ILE A 272 8.01 22.35 6.50
N GLN A 273 8.13 21.44 5.52
CA GLN A 273 8.56 21.84 4.19
C GLN A 273 7.52 22.70 3.49
N MET A 274 6.24 22.32 3.58
CA MET A 274 5.21 23.08 2.89
C MET A 274 4.99 24.44 3.56
N CYS A 275 5.25 24.55 4.86
CA CYS A 275 5.13 25.84 5.53
C CYS A 275 6.13 26.85 4.97
N THR A 276 7.27 26.36 4.48
CA THR A 276 8.24 27.25 3.88
C THR A 276 7.92 27.54 2.42
N GLU A 277 7.51 26.52 1.64
CA GLU A 277 7.20 26.77 0.25
C GLU A 277 6.07 27.79 0.13
N LEU A 278 5.06 27.68 1.00
CA LEU A 278 4.01 28.68 1.05
C LEU A 278 4.38 29.90 1.89
N LYS A 279 5.61 29.97 2.40
CA LYS A 279 6.12 31.14 3.09
C LYS A 279 5.20 31.56 4.23
N LEU A 280 4.80 30.58 5.02
CA LEU A 280 3.88 30.86 6.13
C LEU A 280 4.65 31.28 7.38
N SER A 281 4.10 32.25 8.11
CA SER A 281 4.63 32.62 9.42
C SER A 281 4.68 31.38 10.32
N ASP A 282 5.38 31.48 11.46
CA ASP A 282 5.28 30.42 12.45
C ASP A 282 3.88 30.36 13.05
N TYR A 283 3.26 31.53 13.26
CA TYR A 283 1.88 31.55 13.74
C TYR A 283 0.95 30.93 12.69
N GLU A 284 1.09 31.35 11.43
CA GLU A 284 0.25 30.81 10.37
C GLU A 284 0.50 29.31 10.17
N GLY A 285 1.73 28.85 10.44
CA GLY A 285 2.00 27.43 10.37
C GLY A 285 1.29 26.64 11.44
N ARG A 286 1.10 27.23 12.62
CA ARG A 286 0.39 26.61 13.72
C ARG A 286 -1.11 26.86 13.67
N LEU A 287 -1.60 27.57 12.66
CA LEU A 287 -3.03 27.77 12.50
C LEU A 287 -3.65 26.51 11.92
N ILE A 288 -4.59 25.91 12.65
CA ILE A 288 -5.13 24.61 12.23
C ILE A 288 -5.83 24.72 10.89
N GLN A 289 -6.41 25.89 10.57
CA GLN A 289 -7.06 26.06 9.29
C GLN A 289 -6.07 25.86 8.14
N ASN A 290 -4.84 26.37 8.29
CA ASN A 290 -3.82 26.12 7.28
C ASN A 290 -3.39 24.66 7.30
N SER A 291 -3.32 24.06 8.48
CA SER A 291 -3.01 22.63 8.57
C SER A 291 -4.03 21.80 7.79
N LEU A 292 -5.31 22.11 7.95
CA LEU A 292 -6.34 21.35 7.26
C LEU A 292 -6.18 21.46 5.74
N THR A 293 -5.86 22.65 5.24
CA THR A 293 -5.66 22.82 3.81
C THR A 293 -4.42 22.08 3.34
N ILE A 294 -3.31 22.21 4.08
CA ILE A 294 -2.09 21.50 3.71
C ILE A 294 -2.33 20.00 3.75
N GLU A 295 -3.15 19.53 4.68
CA GLU A 295 -3.42 18.09 4.78
C GLU A 295 -4.22 17.61 3.58
N ARG A 296 -5.28 18.34 3.21
CA ARG A 296 -6.13 17.89 2.11
C ARG A 296 -5.35 17.85 0.80
N MET A 297 -4.46 18.81 0.58
CA MET A 297 -3.76 18.90 -0.70
C MET A 297 -2.93 17.64 -0.96
N VAL A 298 -2.15 17.22 0.03
CA VAL A 298 -1.33 16.01 -0.17
C VAL A 298 -2.22 14.79 -0.34
N LEU A 299 -3.34 14.72 0.39
CA LEU A 299 -4.29 13.66 0.16
C LEU A 299 -4.86 13.75 -1.25
N SER A 300 -5.13 14.97 -1.72
CA SER A 300 -5.62 15.15 -3.08
C SER A 300 -4.57 14.78 -4.11
N ALA A 301 -3.30 15.05 -3.80
CA ALA A 301 -2.23 14.77 -4.77
C ALA A 301 -2.11 13.28 -5.05
N PHE A 302 -2.30 12.44 -4.03
CA PHE A 302 -2.24 11.01 -4.20
C PHE A 302 -3.59 10.39 -4.51
N ASP A 303 -4.69 11.08 -4.19
CA ASP A 303 -6.01 10.55 -4.47
C ASP A 303 -6.30 10.52 -5.97
N GLU A 304 -5.80 11.49 -6.71
CA GLU A 304 -6.02 11.59 -8.15
C GLU A 304 -7.45 11.19 -8.54
N ARG A 305 -8.41 11.77 -7.81
CA ARG A 305 -9.83 11.67 -8.13
C ARG A 305 -10.38 10.26 -7.96
N ARG A 306 -9.80 9.48 -7.04
CA ARG A 306 -10.32 8.17 -6.71
C ARG A 306 -11.31 8.19 -5.56
N ASN A 307 -11.34 9.29 -4.80
CA ASN A 307 -12.17 9.38 -3.59
C ASN A 307 -11.82 8.25 -2.63
N LYS A 308 -10.51 8.05 -2.43
CA LYS A 308 -9.97 7.08 -1.49
C LYS A 308 -9.44 7.75 -0.22
N TYR A 309 -8.68 8.84 -0.37
CA TYR A 309 -8.14 9.55 0.79
C TYR A 309 -9.02 10.72 1.22
N LEU A 310 -9.77 11.31 0.29
CA LEU A 310 -10.68 12.41 0.60
C LEU A 310 -11.75 12.46 -0.48
N GLU A 311 -12.68 13.39 -0.33
CA GLU A 311 -13.72 13.64 -1.32
C GLU A 311 -13.72 15.13 -1.65
N GLU A 312 -13.77 15.46 -2.93
CA GLU A 312 -13.67 16.84 -3.38
C GLU A 312 -14.73 17.09 -4.45
N HIS A 313 -15.33 18.28 -4.42
CA HIS A 313 -16.39 18.59 -5.37
C HIS A 313 -15.80 19.17 -6.65
N PRO A 314 -16.26 18.73 -7.82
CA PRO A 314 -15.68 19.26 -9.07
C PRO A 314 -16.11 20.69 -9.34
N SER A 315 -15.22 21.43 -10.00
CA SER A 315 -15.48 22.78 -10.45
C SER A 315 -15.05 22.92 -11.90
N ALA A 316 -15.86 23.64 -12.68
CA ALA A 316 -15.60 23.74 -14.12
C ALA A 316 -14.37 24.59 -14.38
N GLY A 317 -13.49 24.11 -15.25
CA GLY A 317 -12.29 24.83 -15.63
C GLY A 317 -11.08 24.55 -14.76
N LYS A 318 -11.24 23.80 -13.67
CA LYS A 318 -10.12 23.54 -12.77
C LYS A 318 -9.21 22.47 -13.37
N ASP A 319 -7.95 22.82 -13.58
CA ASP A 319 -6.97 21.88 -14.10
C ASP A 319 -6.96 20.62 -13.23
N PRO A 320 -7.30 19.45 -13.79
CA PRO A 320 -7.34 18.24 -12.96
C PRO A 320 -5.98 17.81 -12.44
N LYS A 321 -4.88 18.32 -12.99
CA LYS A 321 -3.55 17.91 -12.57
C LYS A 321 -2.98 18.80 -11.47
N LYS A 322 -3.78 19.70 -10.91
CA LYS A 322 -3.33 20.59 -9.85
C LYS A 322 -4.29 20.51 -8.66
N THR A 323 -3.74 20.74 -7.47
CA THR A 323 -4.49 20.74 -6.23
C THR A 323 -4.24 22.04 -5.51
N GLY A 324 -5.07 22.31 -4.50
CA GLY A 324 -4.89 23.53 -3.72
C GLY A 324 -6.01 23.70 -2.72
N GLY A 325 -6.05 24.89 -2.14
CA GLY A 325 -7.03 25.24 -1.14
C GLY A 325 -6.76 26.61 -0.56
N PRO A 326 -7.59 27.02 0.40
CA PRO A 326 -7.41 28.37 0.99
C PRO A 326 -6.29 28.38 2.01
N ILE A 327 -5.37 29.33 1.86
CA ILE A 327 -4.29 29.56 2.81
C ILE A 327 -4.55 30.90 3.48
N TYR A 328 -4.44 30.93 4.79
CA TYR A 328 -4.80 32.09 5.60
C TYR A 328 -3.53 32.74 6.16
N LYS A 329 -3.33 34.01 5.84
CA LYS A 329 -2.14 34.75 6.25
C LYS A 329 -2.54 36.05 6.94
N ARG A 330 -1.70 36.47 7.88
CA ARG A 330 -1.99 37.61 8.73
C ARG A 330 -0.92 38.68 8.56
N VAL A 331 -1.37 39.94 8.56
CA VAL A 331 -0.47 41.08 8.66
C VAL A 331 -1.17 42.15 9.52
N ASP A 332 -0.50 42.56 10.60
CA ASP A 332 -1.04 43.53 11.57
C ASP A 332 -2.45 43.15 12.02
N GLY A 333 -2.62 41.88 12.35
CA GLY A 333 -3.83 41.39 12.97
C GLY A 333 -4.97 41.11 12.04
N LYS A 334 -4.83 41.39 10.74
CA LYS A 334 -5.92 41.21 9.78
C LYS A 334 -5.59 40.01 8.89
N TRP A 335 -6.53 39.06 8.82
CA TRP A 335 -6.35 37.84 8.05
C TRP A 335 -6.93 38.00 6.66
N MET A 336 -6.25 37.39 5.69
CA MET A 336 -6.70 37.38 4.30
C MET A 336 -6.63 35.95 3.77
N ARG A 337 -7.67 35.53 3.08
CA ARG A 337 -7.69 34.22 2.43
C ARG A 337 -7.01 34.33 1.07
N GLU A 338 -6.11 33.40 0.78
CA GLU A 338 -5.46 33.30 -0.53
C GLU A 338 -5.54 31.85 -0.97
N LEU A 339 -6.01 31.64 -2.20
CA LEU A 339 -6.17 30.31 -2.76
C LEU A 339 -4.94 29.96 -3.60
N VAL A 340 -4.32 28.83 -3.27
CA VAL A 340 -3.07 28.42 -3.90
C VAL A 340 -3.34 27.20 -4.77
N LEU A 341 -2.53 27.03 -5.82
CA LEU A 341 -2.66 25.91 -6.74
C LEU A 341 -1.28 25.31 -6.97
N TYR A 342 -1.13 24.03 -6.64
CA TYR A 342 0.11 23.30 -6.81
C TYR A 342 -0.13 22.07 -7.68
N ASP A 343 0.88 21.70 -8.46
CA ASP A 343 0.79 20.47 -9.25
C ASP A 343 0.85 19.26 -8.32
N LYS A 344 -0.08 18.32 -8.52
CA LYS A 344 -0.11 17.15 -7.66
C LYS A 344 1.23 16.41 -7.67
N GLY A 345 1.87 16.35 -8.83
CA GLY A 345 3.15 15.65 -8.92
C GLY A 345 4.19 16.21 -7.96
N GLU A 346 4.25 17.54 -7.84
CA GLU A 346 5.22 18.15 -6.95
C GLU A 346 4.86 17.90 -5.49
N ILE A 347 3.57 17.95 -5.15
CA ILE A 347 3.15 17.60 -3.80
C ILE A 347 3.58 16.17 -3.49
N ARG A 348 3.39 15.25 -4.43
CA ARG A 348 3.77 13.86 -4.20
C ARG A 348 5.28 13.75 -3.99
N ARG A 349 6.06 14.56 -4.70
CA ARG A 349 7.51 14.52 -4.53
C ARG A 349 7.92 15.03 -3.16
N ILE A 350 7.32 16.14 -2.71
CA ILE A 350 7.65 16.68 -1.40
C ILE A 350 7.27 15.70 -0.31
N TRP A 351 6.11 15.05 -0.45
CA TRP A 351 5.70 14.05 0.54
C TRP A 351 6.70 12.91 0.58
N ARG A 352 7.06 12.37 -0.59
CA ARG A 352 7.99 11.25 -0.63
C ARG A 352 9.36 11.66 -0.11
N GLN A 353 9.84 12.83 -0.51
CA GLN A 353 11.12 13.32 0.00
C GLN A 353 11.08 13.45 1.51
N ALA A 354 9.95 13.91 2.06
CA ALA A 354 9.82 14.03 3.51
C ALA A 354 9.77 12.67 4.19
N ASN A 355 9.42 11.62 3.46
CA ASN A 355 9.33 10.26 4.00
C ASN A 355 10.48 9.38 3.54
N ASN A 356 11.63 9.99 3.26
CA ASN A 356 12.84 9.25 2.89
C ASN A 356 12.64 8.43 1.63
N GLY A 357 11.84 8.94 0.70
CA GLY A 357 11.68 8.32 -0.60
C GLY A 357 10.53 7.35 -0.72
N ASP A 358 9.94 6.92 0.38
CA ASP A 358 8.86 5.96 0.34
C ASP A 358 7.50 6.66 0.19
N ASP A 359 6.53 5.94 -0.35
CA ASP A 359 5.20 6.50 -0.52
C ASP A 359 4.53 6.78 0.83
N ALA A 360 4.85 6.00 1.85
CA ALA A 360 4.36 6.23 3.21
C ALA A 360 2.86 6.51 3.21
N THR A 361 2.10 5.56 2.65
CA THR A 361 0.66 5.74 2.57
C THR A 361 0.00 5.70 3.95
N ALA A 362 0.61 5.00 4.90
CA ALA A 362 0.05 4.96 6.26
C ALA A 362 -0.06 6.36 6.85
N GLY A 363 0.89 7.24 6.52
CA GLY A 363 0.80 8.61 6.97
C GLY A 363 -0.36 9.38 6.36
N LEU A 364 -0.68 9.07 5.10
CA LEU A 364 -1.84 9.69 4.46
C LEU A 364 -3.13 9.25 5.13
N THR A 365 -3.30 7.93 5.31
CA THR A 365 -4.50 7.45 6.00
C THR A 365 -4.59 8.04 7.40
N HIS A 366 -3.46 8.17 8.09
CA HIS A 366 -3.46 8.77 9.42
C HIS A 366 -4.16 10.11 9.41
N MET A 367 -3.82 10.97 8.45
CA MET A 367 -4.46 12.27 8.37
C MET A 367 -5.90 12.16 7.88
N MET A 368 -6.22 11.11 7.12
CA MET A 368 -7.60 10.89 6.72
C MET A 368 -8.48 10.58 7.94
N ILE A 369 -7.96 9.78 8.87
CA ILE A 369 -8.73 9.48 10.08
C ILE A 369 -8.97 10.77 10.86
N TRP A 370 -7.92 11.57 11.05
CA TRP A 370 -8.06 12.83 11.77
C TRP A 370 -9.15 13.69 11.16
N HIS A 371 -9.15 13.82 9.83
CA HIS A 371 -10.23 14.54 9.18
C HIS A 371 -11.58 13.91 9.49
N SER A 372 -11.63 12.58 9.52
CA SER A 372 -12.87 11.89 9.86
C SER A 372 -13.29 12.20 11.28
N ASN A 373 -12.36 12.06 12.24
CA ASN A 373 -12.68 12.36 13.63
C ASN A 373 -13.19 13.78 13.78
N LEU A 374 -12.53 14.74 13.11
CA LEU A 374 -12.95 16.13 13.24
C LEU A 374 -14.34 16.34 12.68
N ASN A 375 -14.63 15.76 11.52
CA ASN A 375 -15.97 15.88 10.95
C ASN A 375 -17.01 15.25 11.88
N ASP A 376 -16.72 14.05 12.40
CA ASP A 376 -17.66 13.42 13.32
C ASP A 376 -17.95 14.32 14.52
N THR A 377 -16.94 15.06 14.98
CA THR A 377 -17.12 15.90 16.16
C THR A 377 -17.81 17.21 15.82
N THR A 378 -17.68 17.67 14.59
CA THR A 378 -18.19 18.98 14.20
C THR A 378 -19.60 18.93 13.63
N TYR A 379 -19.89 17.94 12.80
CA TYR A 379 -21.09 17.94 11.98
C TYR A 379 -22.06 16.85 12.42
N GLN A 380 -23.27 16.95 11.88
CA GLN A 380 -24.41 16.12 12.22
C GLN A 380 -24.82 15.33 10.98
N ARG A 381 -25.20 14.07 11.17
CA ARG A 381 -25.63 13.23 10.06
C ARG A 381 -27.09 12.83 10.18
N THR A 382 -27.88 13.58 10.95
CA THR A 382 -29.26 13.19 11.18
C THR A 382 -30.08 13.20 9.90
N ARG A 383 -29.79 14.13 8.98
CA ARG A 383 -30.49 14.12 7.70
C ARG A 383 -30.02 12.95 6.84
N ALA A 384 -28.71 12.67 6.84
CA ALA A 384 -28.20 11.54 6.09
C ALA A 384 -28.80 10.22 6.58
N LEU A 385 -29.14 10.15 7.87
CA LEU A 385 -29.78 8.96 8.41
C LEU A 385 -31.25 8.91 8.00
N VAL A 386 -31.96 10.02 8.16
CA VAL A 386 -33.39 10.05 7.85
C VAL A 386 -33.61 9.75 6.38
N ARG A 387 -32.78 10.31 5.51
CA ARG A 387 -32.87 10.06 4.06
C ARG A 387 -32.39 8.65 3.68
N THR A 388 -32.24 7.76 4.66
CA THR A 388 -31.91 6.36 4.40
C THR A 388 -32.92 5.40 5.01
N GLY A 389 -33.83 5.88 5.86
CA GLY A 389 -34.74 5.03 6.58
C GLY A 389 -34.31 4.71 8.00
N MET A 390 -33.14 5.18 8.42
CA MET A 390 -32.64 4.91 9.76
C MET A 390 -33.19 5.95 10.74
N ASP A 391 -33.08 5.63 12.02
CA ASP A 391 -33.56 6.52 13.07
C ASP A 391 -32.52 7.59 13.34
N PRO A 392 -32.87 8.88 13.26
CA PRO A 392 -31.85 9.92 13.50
C PRO A 392 -31.17 9.81 14.85
N ARG A 393 -31.77 9.12 15.81
CA ARG A 393 -31.18 8.96 17.13
C ARG A 393 -30.05 7.94 17.18
N MET A 394 -29.64 7.40 16.03
CA MET A 394 -28.48 6.53 15.95
C MET A 394 -27.19 7.31 15.68
N CYS A 395 -27.21 8.62 15.89
CA CYS A 395 -26.01 9.44 15.67
C CYS A 395 -24.82 8.87 16.43
N SER A 396 -25.04 8.33 17.62
CA SER A 396 -23.96 7.77 18.41
C SER A 396 -23.33 6.53 17.79
N LEU A 397 -23.81 6.09 16.63
CA LEU A 397 -23.30 4.90 15.99
C LEU A 397 -22.53 5.20 14.71
N MET A 398 -22.30 6.47 14.41
CA MET A 398 -21.90 6.89 13.07
C MET A 398 -20.43 7.27 12.96
N GLN A 399 -19.59 6.75 13.84
CA GLN A 399 -18.16 7.05 13.73
C GLN A 399 -17.66 6.65 12.34
N GLY A 400 -16.90 7.54 11.72
CA GLY A 400 -16.33 7.27 10.42
C GLY A 400 -17.28 7.39 9.26
N SER A 401 -18.46 7.97 9.46
CA SER A 401 -19.46 8.03 8.39
C SER A 401 -19.12 9.06 7.33
N THR A 402 -18.06 9.85 7.51
CA THR A 402 -17.64 10.82 6.52
C THR A 402 -16.44 10.34 5.71
N LEU A 403 -15.85 9.21 6.08
CA LEU A 403 -14.69 8.71 5.35
C LEU A 403 -15.03 8.58 3.86
N PRO A 404 -14.07 8.83 2.97
CA PRO A 404 -14.38 8.80 1.54
C PRO A 404 -15.06 7.51 1.11
N ARG A 405 -15.76 7.55 -0.03
CA ARG A 405 -16.56 6.40 -0.45
C ARG A 405 -15.67 5.17 -0.69
N ARG A 406 -14.47 5.37 -1.21
CA ARG A 406 -13.57 4.27 -1.54
C ARG A 406 -12.44 4.11 -0.52
N SER A 407 -12.70 4.46 0.73
CA SER A 407 -11.75 4.13 1.79
C SER A 407 -11.67 2.61 1.93
N GLY A 408 -10.45 2.10 2.07
CA GLY A 408 -10.22 0.66 2.15
C GLY A 408 -10.55 0.11 3.52
N ALA A 409 -9.91 -1.03 3.82
CA ALA A 409 -9.98 -1.57 5.18
C ALA A 409 -9.35 -0.64 6.20
N ALA A 410 -8.60 0.38 5.74
CA ALA A 410 -8.04 1.36 6.66
C ALA A 410 -9.11 1.95 7.55
N GLY A 411 -10.20 2.45 6.95
CA GLY A 411 -11.27 3.05 7.72
C GLY A 411 -12.21 2.06 8.37
N ALA A 412 -12.26 0.83 7.88
CA ALA A 412 -13.16 -0.16 8.44
C ALA A 412 -12.99 -0.26 9.95
N ALA A 413 -11.76 -0.14 10.43
CA ALA A 413 -11.49 -0.34 11.86
C ALA A 413 -12.26 0.67 12.72
N VAL A 414 -12.37 1.91 12.24
CA VAL A 414 -13.00 2.96 13.04
C VAL A 414 -14.45 3.20 12.66
N LYS A 415 -14.95 2.56 11.61
CA LYS A 415 -16.34 2.73 11.23
C LYS A 415 -17.25 2.11 12.29
N GLY A 416 -18.24 2.87 12.74
CA GLY A 416 -19.16 2.39 13.73
C GLY A 416 -20.22 1.48 13.14
N VAL A 417 -20.93 0.79 14.04
CA VAL A 417 -21.99 -0.12 13.61
C VAL A 417 -22.97 0.61 12.71
N GLY A 418 -23.36 1.83 13.08
CA GLY A 418 -24.30 2.59 12.28
C GLY A 418 -23.77 2.93 10.91
N THR A 419 -22.47 3.20 10.80
CA THR A 419 -21.89 3.55 9.51
C THR A 419 -21.91 2.36 8.56
N MET A 420 -21.53 1.17 9.05
CA MET A 420 -21.56 -0.01 8.20
C MET A 420 -22.99 -0.36 7.81
N VAL A 421 -23.92 -0.29 8.76
CA VAL A 421 -25.31 -0.64 8.48
C VAL A 421 -25.85 0.18 7.32
N MET A 422 -25.61 1.49 7.35
CA MET A 422 -26.10 2.33 6.26
C MET A 422 -25.40 1.98 4.95
N GLU A 423 -24.08 1.81 5.00
CA GLU A 423 -23.35 1.44 3.79
C GLU A 423 -23.94 0.19 3.16
N LEU A 424 -24.22 -0.84 3.98
CA LEU A 424 -24.86 -2.04 3.46
C LEU A 424 -26.25 -1.74 2.92
N ILE A 425 -27.04 -0.98 3.67
CA ILE A 425 -28.39 -0.65 3.23
C ILE A 425 -28.34 0.05 1.88
N ARG A 426 -27.40 1.00 1.71
CA ARG A 426 -27.33 1.73 0.46
C ARG A 426 -27.05 0.78 -0.70
N MET A 427 -26.12 -0.16 -0.53
CA MET A 427 -25.83 -1.12 -1.59
C MET A 427 -27.08 -1.89 -1.98
N ILE A 428 -27.91 -2.25 -1.00
CA ILE A 428 -29.11 -3.02 -1.30
C ILE A 428 -30.13 -2.16 -2.03
N LYS A 429 -30.22 -0.87 -1.66
CA LYS A 429 -31.23 -0.01 -2.24
C LYS A 429 -30.99 0.26 -3.72
N ARG A 430 -29.76 0.12 -4.20
CA ARG A 430 -29.50 0.15 -5.64
C ARG A 430 -29.31 -1.25 -6.22
N GLY A 431 -29.20 -2.28 -5.39
CA GLY A 431 -29.40 -3.63 -5.88
C GLY A 431 -30.84 -3.93 -6.21
N ILE A 432 -31.78 -3.19 -5.62
CA ILE A 432 -33.19 -3.36 -5.92
C ILE A 432 -33.67 -2.45 -7.03
N ASN A 433 -32.91 -1.41 -7.37
CA ASN A 433 -33.29 -0.46 -8.41
C ASN A 433 -32.30 -0.48 -9.58
N ASP A 434 -31.59 -1.58 -9.75
CA ASP A 434 -30.76 -1.81 -10.92
C ASP A 434 -30.55 -3.32 -11.03
N ARG A 435 -31.07 -3.93 -12.10
CA ARG A 435 -30.96 -5.38 -12.23
C ARG A 435 -29.50 -5.82 -12.23
N ASN A 436 -28.65 -5.14 -13.01
CA ASN A 436 -27.26 -5.55 -13.24
C ASN A 436 -26.36 -5.34 -12.04
N PHE A 437 -26.88 -4.96 -10.87
CA PHE A 437 -25.98 -4.67 -9.74
C PHE A 437 -25.25 -5.93 -9.29
N TRP A 438 -25.97 -7.06 -9.22
CA TRP A 438 -25.38 -8.33 -8.82
C TRP A 438 -25.16 -9.27 -10.02
N ARG A 439 -25.14 -8.73 -11.23
CA ARG A 439 -25.01 -9.54 -12.44
C ARG A 439 -23.68 -9.27 -13.13
N GLY A 440 -23.28 -10.20 -13.99
CA GLY A 440 -21.97 -10.15 -14.60
C GLY A 440 -20.87 -10.17 -13.57
N GLU A 441 -19.61 -10.15 -14.02
CA GLU A 441 -18.52 -9.94 -13.06
C GLU A 441 -18.56 -8.53 -12.47
N ASN A 442 -19.34 -7.60 -13.02
CA ASN A 442 -19.55 -6.35 -12.29
C ASN A 442 -20.38 -6.62 -11.04
N GLY A 443 -21.10 -7.75 -10.99
CA GLY A 443 -21.90 -8.09 -9.83
C GLY A 443 -21.13 -8.85 -8.75
N ARG A 444 -20.55 -9.99 -9.13
CA ARG A 444 -19.58 -10.65 -8.27
C ARG A 444 -18.42 -9.71 -7.92
N LYS A 445 -18.28 -8.57 -8.60
CA LYS A 445 -17.50 -7.50 -8.03
C LYS A 445 -18.12 -7.06 -6.73
N THR A 446 -19.41 -6.65 -6.79
CA THR A 446 -20.02 -6.09 -5.60
C THR A 446 -20.46 -7.12 -4.55
N ARG A 447 -20.62 -8.39 -4.93
CA ARG A 447 -20.97 -9.43 -3.96
C ARG A 447 -19.83 -9.68 -3.00
N SER A 448 -18.61 -9.80 -3.52
CA SER A 448 -17.45 -9.96 -2.64
C SER A 448 -17.35 -8.80 -1.66
N ALA A 449 -17.64 -7.57 -2.12
CA ALA A 449 -17.62 -6.42 -1.23
C ALA A 449 -18.76 -6.50 -0.21
N TYR A 450 -19.95 -6.93 -0.66
CA TYR A 450 -21.07 -7.11 0.26
C TYR A 450 -20.74 -8.12 1.34
N GLU A 451 -20.05 -9.20 0.98
CA GLU A 451 -19.73 -10.25 1.95
C GLU A 451 -18.74 -9.73 2.99
N ARG A 452 -17.68 -9.05 2.55
CA ARG A 452 -16.70 -8.54 3.49
C ARG A 452 -17.31 -7.48 4.40
N MET A 453 -18.04 -6.52 3.81
CA MET A 453 -18.70 -5.50 4.63
C MET A 453 -19.64 -6.13 5.65
N CYS A 454 -20.28 -7.24 5.29
CA CYS A 454 -21.11 -7.94 6.26
C CYS A 454 -20.25 -8.55 7.37
N ASN A 455 -19.14 -9.18 7.01
CA ASN A 455 -18.28 -9.82 8.01
C ASN A 455 -17.47 -8.79 8.78
N ILE A 456 -17.21 -7.62 8.19
CA ILE A 456 -16.59 -6.53 8.93
C ILE A 456 -17.53 -6.07 10.04
N LEU A 457 -18.80 -5.85 9.71
CA LEU A 457 -19.78 -5.45 10.72
C LEU A 457 -20.03 -6.57 11.71
N LYS A 458 -20.09 -7.82 11.24
CA LYS A 458 -20.22 -8.96 12.14
C LYS A 458 -19.14 -8.91 13.21
N GLY A 459 -17.90 -8.64 12.80
CA GLY A 459 -16.80 -8.61 13.75
C GLY A 459 -16.94 -7.54 14.80
N LYS A 460 -17.63 -6.44 14.48
CA LYS A 460 -17.82 -5.37 15.45
C LYS A 460 -18.84 -5.73 16.52
N PHE A 461 -19.74 -6.68 16.25
CA PHE A 461 -20.70 -7.11 17.24
C PHE A 461 -20.03 -8.06 18.22
N GLN A 462 -20.43 -7.97 19.49
CA GLN A 462 -19.81 -8.75 20.57
C GLN A 462 -20.78 -9.70 21.25
N THR A 463 -21.95 -9.94 20.66
CA THR A 463 -22.88 -10.95 21.15
C THR A 463 -23.05 -12.00 20.06
N ALA A 464 -23.18 -13.27 20.48
CA ALA A 464 -23.31 -14.35 19.50
C ALA A 464 -24.58 -14.21 18.67
N ALA A 465 -25.64 -13.65 19.27
CA ALA A 465 -26.91 -13.55 18.55
C ALA A 465 -26.85 -12.46 17.47
N GLN A 466 -26.19 -11.34 17.76
CA GLN A 466 -26.06 -10.30 16.75
C GLN A 466 -25.26 -10.81 15.55
N ARG A 467 -24.19 -11.56 15.80
CA ARG A 467 -23.37 -12.08 14.71
C ARG A 467 -24.12 -13.13 13.90
N ALA A 468 -24.89 -13.99 14.56
CA ALA A 468 -25.60 -15.04 13.85
C ALA A 468 -26.63 -14.46 12.88
N MET A 469 -27.23 -13.32 13.23
CA MET A 469 -28.19 -12.70 12.32
C MET A 469 -27.50 -11.98 11.17
N MET A 470 -26.32 -11.41 11.41
CA MET A 470 -25.54 -10.87 10.31
C MET A 470 -25.19 -11.96 9.29
N ASP A 471 -25.00 -13.19 9.76
CA ASP A 471 -24.71 -14.29 8.85
C ASP A 471 -25.82 -14.48 7.84
N GLN A 472 -27.08 -14.45 8.29
CA GLN A 472 -28.19 -14.63 7.38
C GLN A 472 -28.32 -13.46 6.41
N VAL A 473 -27.96 -12.26 6.85
CA VAL A 473 -27.94 -11.12 5.93
C VAL A 473 -26.85 -11.32 4.88
N ARG A 474 -25.67 -11.78 5.30
CA ARG A 474 -24.58 -12.02 4.36
C ARG A 474 -24.98 -13.09 3.35
N GLU A 475 -25.50 -14.22 3.83
CA GLU A 475 -25.79 -15.37 2.99
C GLU A 475 -27.19 -15.35 2.41
N SER A 476 -27.83 -14.20 2.34
CA SER A 476 -29.05 -13.96 1.57
C SER A 476 -28.65 -13.77 0.10
N ARG A 477 -28.94 -14.70 -0.80
CA ARG A 477 -28.31 -14.70 -2.12
C ARG A 477 -28.67 -13.47 -2.94
N ASN A 478 -29.86 -12.88 -2.73
CA ASN A 478 -30.20 -11.60 -3.32
C ASN A 478 -30.90 -10.75 -2.25
N PRO A 479 -30.17 -9.88 -1.56
CA PRO A 479 -30.79 -9.10 -0.48
C PRO A 479 -31.78 -8.07 -1.02
N GLY A 480 -32.87 -7.90 -0.28
CA GLY A 480 -33.88 -6.92 -0.62
C GLY A 480 -34.35 -6.13 0.59
N ASN A 481 -35.61 -5.69 0.57
CA ASN A 481 -36.15 -4.94 1.70
C ASN A 481 -36.29 -5.78 2.96
N ALA A 482 -36.18 -7.11 2.86
CA ALA A 482 -36.22 -7.95 4.04
C ALA A 482 -34.94 -7.79 4.86
N GLU A 483 -33.78 -7.88 4.21
CA GLU A 483 -32.52 -7.75 4.92
C GLU A 483 -32.31 -6.34 5.42
N ILE A 484 -32.84 -5.34 4.72
CA ILE A 484 -32.76 -3.97 5.20
C ILE A 484 -33.45 -3.84 6.56
N GLU A 485 -34.57 -4.53 6.73
CA GLU A 485 -35.31 -4.42 7.98
C GLU A 485 -34.49 -4.95 9.16
N ASP A 486 -33.81 -6.07 8.96
CA ASP A 486 -33.06 -6.68 10.07
C ASP A 486 -31.72 -5.97 10.31
N LEU A 487 -31.14 -5.36 9.29
CA LEU A 487 -29.99 -4.50 9.54
C LEU A 487 -30.37 -3.33 10.43
N ILE A 488 -31.55 -2.74 10.19
CA ILE A 488 -32.04 -1.68 11.05
C ILE A 488 -32.24 -2.20 12.47
N PHE A 489 -32.79 -3.42 12.59
CA PHE A 489 -32.96 -4.02 13.91
C PHE A 489 -31.63 -4.17 14.62
N LEU A 490 -30.60 -4.66 13.91
CA LEU A 490 -29.28 -4.79 14.51
C LEU A 490 -28.74 -3.45 14.96
N ALA A 491 -29.00 -2.39 14.18
CA ALA A 491 -28.55 -1.06 14.57
C ALA A 491 -29.21 -0.63 15.87
N ARG A 492 -30.49 -0.95 16.04
CA ARG A 492 -31.17 -0.64 17.30
C ARG A 492 -30.56 -1.44 18.45
N SER A 493 -30.23 -2.70 18.20
CA SER A 493 -29.58 -3.51 19.24
C SER A 493 -28.20 -2.97 19.58
N ALA A 494 -27.56 -2.26 18.65
CA ALA A 494 -26.23 -1.70 18.89
C ALA A 494 -26.28 -0.46 19.77
N LEU A 495 -27.46 0.10 20.02
CA LEU A 495 -27.56 1.22 20.95
C LEU A 495 -27.44 0.77 22.39
N ILE A 496 -27.80 -0.49 22.67
CA ILE A 496 -27.69 -1.08 24.01
C ILE A 496 -26.54 -2.07 24.07
N LEU A 497 -26.60 -3.14 23.26
CA LEU A 497 -25.51 -4.10 23.15
C LEU A 497 -24.47 -3.56 22.18
N ARG A 498 -23.81 -2.49 22.61
CA ARG A 498 -22.91 -1.76 21.74
C ARG A 498 -21.86 -2.68 21.14
N GLY A 499 -21.40 -2.34 19.94
CA GLY A 499 -20.33 -3.06 19.31
C GLY A 499 -18.98 -2.41 19.58
N SER A 500 -17.92 -3.16 19.32
CA SER A 500 -16.57 -2.68 19.58
C SER A 500 -16.01 -2.01 18.34
N VAL A 501 -15.57 -0.76 18.48
CA VAL A 501 -15.09 0.07 17.38
C VAL A 501 -13.76 0.67 17.80
N ALA A 502 -12.89 0.87 16.83
CA ALA A 502 -11.57 1.45 17.08
C ALA A 502 -11.69 2.95 17.28
N HIS A 503 -10.84 3.49 18.13
CA HIS A 503 -10.79 4.95 18.35
C HIS A 503 -9.33 5.37 18.45
N LYS A 504 -8.76 5.82 17.34
CA LYS A 504 -7.35 6.17 17.20
C LYS A 504 -7.20 7.69 17.31
N SER A 505 -6.27 8.12 18.14
CA SER A 505 -6.02 9.53 18.38
C SER A 505 -5.07 10.05 17.31
N CYS A 506 -5.61 10.68 16.29
CA CYS A 506 -4.85 11.23 15.17
C CYS A 506 -4.86 12.74 15.26
N LEU A 507 -3.69 13.33 15.47
CA LEU A 507 -3.56 14.77 15.65
C LEU A 507 -3.29 15.46 14.33
N PRO A 508 -3.51 16.78 14.26
CA PRO A 508 -3.24 17.50 13.02
C PRO A 508 -1.74 17.69 12.78
N ALA A 509 -1.42 17.98 11.52
CA ALA A 509 -0.01 18.16 11.15
C ALA A 509 0.60 19.35 11.87
N CYS A 510 -0.18 20.36 12.20
CA CYS A 510 0.36 21.52 12.91
C CYS A 510 0.78 21.18 14.33
N VAL A 511 0.50 19.98 14.80
CA VAL A 511 1.08 19.49 16.05
C VAL A 511 2.37 18.71 15.80
N TYR A 512 2.31 17.73 14.91
CA TYR A 512 3.50 16.94 14.60
C TYR A 512 4.59 17.81 13.98
N GLY A 513 4.19 18.80 13.17
CA GLY A 513 5.14 19.66 12.49
C GLY A 513 6.12 20.32 13.45
N PRO A 514 5.61 21.19 14.31
CA PRO A 514 6.53 21.87 15.26
C PRO A 514 7.25 20.90 16.18
N ALA A 515 6.64 19.76 16.52
CA ALA A 515 7.29 18.81 17.41
C ALA A 515 8.56 18.26 16.77
N VAL A 516 8.52 18.02 15.46
CA VAL A 516 9.72 17.54 14.77
C VAL A 516 10.79 18.63 14.76
N ALA A 517 10.39 19.87 14.52
CA ALA A 517 11.35 20.97 14.53
C ALA A 517 12.03 21.11 15.88
N SER A 518 11.36 20.69 16.96
CA SER A 518 11.97 20.70 18.28
C SER A 518 13.14 19.75 18.37
N GLY A 519 13.33 18.87 17.39
CA GLY A 519 14.33 17.83 17.47
C GLY A 519 13.81 16.50 17.98
N TYR A 520 12.51 16.36 18.15
CA TYR A 520 11.91 15.13 18.67
C TYR A 520 11.83 14.12 17.54
N ASP A 521 12.73 13.14 17.55
CA ASP A 521 12.74 12.06 16.56
C ASP A 521 11.79 10.96 17.05
N PHE A 522 10.58 10.95 16.49
CA PHE A 522 9.59 9.98 16.95
C PHE A 522 10.01 8.55 16.66
N GLU A 523 10.86 8.34 15.65
CA GLU A 523 11.31 6.99 15.35
C GLU A 523 12.22 6.46 16.46
N LYS A 524 13.13 7.29 16.96
CA LYS A 524 14.07 6.82 17.98
C LYS A 524 13.37 6.61 19.33
N GLU A 525 12.52 7.56 19.72
CA GLU A 525 11.86 7.51 21.01
C GLU A 525 10.53 6.78 20.98
N GLY A 526 9.92 6.64 19.79
CA GLY A 526 8.72 5.86 19.65
C GLY A 526 7.45 6.69 19.77
N TYR A 527 6.35 6.09 19.34
CA TYR A 527 5.05 6.73 19.45
C TYR A 527 3.96 5.65 19.42
N SER A 528 2.85 5.95 20.07
CA SER A 528 1.70 5.06 20.11
C SER A 528 0.43 5.91 20.10
N LEU A 529 -0.49 5.59 19.19
CA LEU A 529 -1.77 6.28 19.17
C LEU A 529 -2.60 6.00 20.40
N VAL A 530 -2.22 4.99 21.19
CA VAL A 530 -2.91 4.62 22.42
C VAL A 530 -1.96 4.88 23.57
N GLY A 531 -2.40 5.72 24.52
CA GLY A 531 -1.65 5.97 25.73
C GLY A 531 -1.35 7.44 25.94
N ILE A 532 -0.20 7.71 26.54
CA ILE A 532 0.12 9.05 27.02
C ILE A 532 0.76 9.93 25.95
N ASP A 533 1.48 9.34 25.00
CA ASP A 533 2.17 10.14 23.99
C ASP A 533 1.25 11.13 23.29
N PRO A 534 0.07 10.74 22.81
CA PRO A 534 -0.82 11.75 22.21
C PRO A 534 -1.25 12.83 23.19
N PHE A 535 -1.43 12.49 24.48
CA PHE A 535 -1.75 13.51 25.47
C PHE A 535 -0.57 14.45 25.67
N LYS A 536 0.65 13.92 25.69
CA LYS A 536 1.81 14.76 25.93
C LYS A 536 2.05 15.73 24.78
N LEU A 537 1.84 15.26 23.55
CA LEU A 537 1.98 16.16 22.40
C LEU A 537 1.03 17.35 22.53
N LEU A 538 -0.23 17.08 22.87
CA LEU A 538 -1.20 18.16 22.97
C LEU A 538 -0.90 19.08 24.14
N GLN A 539 -0.44 18.53 25.26
CA GLN A 539 -0.17 19.36 26.43
C GLN A 539 0.94 20.36 26.14
N ASN A 540 2.04 19.92 25.53
CA ASN A 540 3.14 20.83 25.20
C ASN A 540 2.93 21.48 23.83
N SER A 541 1.74 21.35 23.26
CA SER A 541 1.38 21.93 21.97
C SER A 541 1.10 23.43 22.10
N GLN A 542 1.04 24.09 20.94
CA GLN A 542 0.49 25.44 20.83
C GLN A 542 -0.10 25.56 19.43
N VAL A 543 -1.43 25.51 19.35
CA VAL A 543 -2.13 25.55 18.08
C VAL A 543 -3.11 26.71 18.13
N TYR A 544 -3.18 27.48 17.04
CA TYR A 544 -4.09 28.62 16.94
C TYR A 544 -5.21 28.29 15.96
N SER A 545 -6.31 29.02 16.08
CA SER A 545 -7.45 28.81 15.22
C SER A 545 -8.16 30.13 14.97
N LEU A 546 -8.61 30.32 13.73
CA LEU A 546 -9.46 31.48 13.43
C LEU A 546 -10.77 31.36 14.20
N ILE A 547 -11.31 32.52 14.59
CA ILE A 547 -12.52 32.58 15.39
C ILE A 547 -13.46 33.58 14.74
N ARG A 548 -14.72 33.18 14.54
CA ARG A 548 -15.73 34.08 13.98
C ARG A 548 -16.32 34.96 15.08
N PRO A 549 -16.90 36.10 14.70
CA PRO A 549 -17.54 36.95 15.72
C PRO A 549 -18.56 36.18 16.54
N ASN A 550 -18.44 36.30 17.86
CA ASN A 550 -19.35 35.71 18.86
C ASN A 550 -19.22 34.21 18.97
N GLU A 551 -18.20 33.60 18.34
CA GLU A 551 -17.85 32.23 18.62
C GLU A 551 -17.03 32.18 19.91
N ASN A 552 -17.38 31.29 20.82
CA ASN A 552 -16.64 31.18 22.07
C ASN A 552 -15.37 30.38 21.85
N PRO A 553 -14.18 30.96 22.04
CA PRO A 553 -12.95 30.19 21.79
C PRO A 553 -12.85 28.94 22.64
N ALA A 554 -13.43 28.94 23.85
CA ALA A 554 -13.34 27.76 24.71
C ALA A 554 -14.05 26.57 24.10
N HIS A 555 -15.21 26.80 23.47
CA HIS A 555 -15.96 25.70 22.89
C HIS A 555 -15.30 25.19 21.62
N LYS A 556 -14.78 26.11 20.79
CA LYS A 556 -14.04 25.68 19.61
C LYS A 556 -12.84 24.83 20.00
N SER A 557 -12.26 25.07 21.18
CA SER A 557 -11.15 24.25 21.63
C SER A 557 -11.63 22.85 22.03
N GLN A 558 -12.78 22.77 22.68
CA GLN A 558 -13.30 21.47 23.08
C GLN A 558 -13.48 20.55 21.88
N LEU A 559 -14.13 21.06 20.83
CA LEU A 559 -14.41 20.20 19.68
C LEU A 559 -13.14 19.79 18.95
N VAL A 560 -12.09 20.61 19.01
CA VAL A 560 -10.82 20.20 18.44
C VAL A 560 -10.14 19.19 19.35
N TRP A 561 -10.15 19.44 20.66
CA TRP A 561 -9.58 18.47 21.61
C TRP A 561 -10.28 17.12 21.49
N MET A 562 -11.62 17.14 21.40
CA MET A 562 -12.37 15.89 21.30
C MET A 562 -12.05 15.14 20.02
N ALA A 563 -11.88 15.88 18.91
CA ALA A 563 -11.55 15.24 17.65
C ALA A 563 -10.16 14.62 17.69
N CYS A 564 -9.21 15.30 18.33
CA CYS A 564 -7.85 14.76 18.43
C CYS A 564 -7.85 13.42 19.16
N ASN A 565 -8.71 13.28 20.17
CA ASN A 565 -8.78 12.04 20.95
C ASN A 565 -9.88 11.10 20.47
N SER A 566 -10.61 11.46 19.43
CA SER A 566 -11.63 10.58 18.86
C SER A 566 -12.63 10.15 19.94
N ALA A 567 -13.11 11.14 20.70
CA ALA A 567 -13.96 10.88 21.87
C ALA A 567 -15.39 11.34 21.67
N ALA A 568 -15.77 11.74 20.46
CA ALA A 568 -17.11 12.28 20.25
C ALA A 568 -18.19 11.29 20.68
N PHE A 569 -17.89 9.99 20.64
CA PHE A 569 -18.87 8.95 20.92
C PHE A 569 -18.65 8.31 22.28
N GLU A 570 -18.04 9.04 23.21
CA GLU A 570 -17.83 8.61 24.57
C GLU A 570 -18.72 9.42 25.51
N ASP A 571 -18.84 8.92 26.74
CA ASP A 571 -19.68 9.59 27.73
C ASP A 571 -19.04 10.89 28.18
N LEU A 572 -19.80 11.98 28.13
CA LEU A 572 -19.24 13.28 28.45
C LEU A 572 -18.84 13.37 29.91
N ARG A 573 -19.55 12.69 30.80
CA ARG A 573 -19.18 12.70 32.22
C ARG A 573 -17.81 12.08 32.43
N VAL A 574 -17.47 11.05 31.64
CA VAL A 574 -16.17 10.42 31.75
C VAL A 574 -15.08 11.36 31.23
N LEU A 575 -15.31 11.97 30.07
CA LEU A 575 -14.32 12.88 29.51
C LEU A 575 -14.22 14.17 30.32
N SER A 576 -15.34 14.59 30.93
CA SER A 576 -15.30 15.78 31.77
C SER A 576 -14.38 15.59 32.97
N PHE A 577 -14.29 14.36 33.48
CA PHE A 577 -13.38 14.10 34.60
C PHE A 577 -11.94 14.05 34.12
N ILE A 578 -11.69 13.44 32.96
CA ILE A 578 -10.34 13.38 32.41
C ILE A 578 -9.85 14.78 32.06
N ARG A 579 -10.65 15.53 31.31
CA ARG A 579 -10.26 16.87 30.91
C ARG A 579 -10.10 17.81 32.11
N GLY A 580 -10.68 17.47 33.25
CA GLY A 580 -10.72 18.38 34.37
C GLY A 580 -11.68 19.54 34.22
N THR A 581 -12.41 19.59 33.11
CA THR A 581 -13.40 20.64 32.86
C THR A 581 -14.64 19.97 32.28
N LYS A 582 -15.77 20.66 32.40
CA LYS A 582 -16.99 20.15 31.79
C LYS A 582 -16.86 20.17 30.28
N VAL A 583 -16.92 18.99 29.65
CA VAL A 583 -17.02 18.86 28.21
C VAL A 583 -18.51 18.70 27.90
N SER A 584 -19.09 19.70 27.23
CA SER A 584 -20.53 19.83 27.10
C SER A 584 -21.03 19.20 25.81
N PRO A 585 -22.33 18.95 25.72
CA PRO A 585 -22.88 18.41 24.46
C PRO A 585 -22.76 19.42 23.33
N ARG A 586 -22.69 18.88 22.11
CA ARG A 586 -22.54 19.74 20.95
C ARG A 586 -23.61 20.81 20.90
N GLY A 587 -24.83 20.46 21.31
CA GLY A 587 -25.93 21.42 21.27
C GLY A 587 -25.70 22.64 22.13
N LYS A 588 -24.81 22.56 23.11
CA LYS A 588 -24.55 23.67 24.01
C LYS A 588 -23.25 24.39 23.69
N LEU A 589 -22.65 24.12 22.54
CA LEU A 589 -21.41 24.78 22.13
C LEU A 589 -21.75 25.98 21.25
N SER A 590 -21.40 27.17 21.72
CA SER A 590 -21.60 28.41 20.97
C SER A 590 -20.42 28.60 20.00
N THR A 591 -20.33 27.70 19.04
CA THR A 591 -19.31 27.78 18.01
C THR A 591 -19.73 26.92 16.82
N ARG A 592 -19.02 27.11 15.70
CA ARG A 592 -19.26 26.31 14.50
C ARG A 592 -17.94 25.74 14.00
N GLY A 593 -17.94 25.17 12.81
CA GLY A 593 -16.83 24.37 12.33
C GLY A 593 -15.52 25.14 12.28
N VAL A 594 -14.44 24.37 12.15
CA VAL A 594 -13.10 24.94 12.06
C VAL A 594 -12.84 25.49 10.67
N GLN A 595 -13.24 24.75 9.64
CA GLN A 595 -13.04 25.20 8.26
C GLN A 595 -13.87 26.46 7.98
N ILE A 596 -13.32 27.33 7.14
CA ILE A 596 -13.94 28.60 6.79
C ILE A 596 -14.48 28.49 5.37
N ALA A 597 -15.79 28.67 5.22
CA ALA A 597 -16.41 28.61 3.90
C ALA A 597 -15.86 29.71 3.00
N SER A 598 -16.05 29.51 1.70
CA SER A 598 -15.55 30.48 0.73
C SER A 598 -16.31 31.80 0.78
N ASN A 599 -17.54 31.79 1.30
CA ASN A 599 -18.39 32.98 1.27
C ASN A 599 -18.14 33.93 2.44
N GLU A 600 -17.30 33.56 3.40
CA GLU A 600 -17.25 34.27 4.66
C GLU A 600 -16.33 35.49 4.58
N ASN A 601 -16.67 36.50 5.38
CA ASN A 601 -15.89 37.73 5.45
C ASN A 601 -14.64 37.48 6.30
N MET A 602 -13.47 37.66 5.69
CA MET A 602 -12.22 37.40 6.40
C MET A 602 -11.75 38.58 7.24
N ASP A 603 -12.25 39.79 6.96
CA ASP A 603 -11.83 40.95 7.74
C ASP A 603 -12.44 40.95 9.14
N ALA A 604 -13.54 40.21 9.35
CA ALA A 604 -14.19 40.12 10.65
C ALA A 604 -13.68 38.93 11.47
N MET A 605 -12.53 38.37 11.10
CA MET A 605 -12.03 37.15 11.73
C MET A 605 -10.91 37.46 12.69
N GLU A 606 -10.86 36.68 13.77
CA GLU A 606 -9.86 36.83 14.82
C GLU A 606 -9.12 35.51 15.00
N SER A 607 -8.04 35.57 15.80
CA SER A 607 -7.25 34.41 16.14
C SER A 607 -7.38 34.10 17.63
N SER A 608 -6.99 32.88 18.00
CA SER A 608 -7.02 32.50 19.40
C SER A 608 -6.19 31.23 19.60
N THR A 609 -5.58 31.12 20.77
CA THR A 609 -4.89 29.91 21.16
C THR A 609 -5.90 28.85 21.57
N LEU A 610 -5.81 27.67 20.96
CA LEU A 610 -6.68 26.57 21.33
C LEU A 610 -6.19 25.93 22.61
N GLU A 611 -7.13 25.63 23.51
CA GLU A 611 -6.83 24.95 24.78
C GLU A 611 -7.11 23.46 24.57
N LEU A 612 -6.06 22.73 24.22
CA LEU A 612 -6.14 21.29 23.97
C LEU A 612 -5.52 20.48 25.10
N ARG A 613 -5.38 21.09 26.27
CA ARG A 613 -4.72 20.46 27.41
C ARG A 613 -5.72 19.69 28.24
N SER A 614 -5.21 18.69 28.95
CA SER A 614 -6.02 17.83 29.80
C SER A 614 -5.30 17.62 31.12
N ARG A 615 -6.05 17.19 32.13
CA ARG A 615 -5.50 17.03 33.47
C ARG A 615 -5.08 15.60 33.78
N TYR A 616 -5.66 14.61 33.10
CA TYR A 616 -5.26 13.22 33.22
C TYR A 616 -5.36 12.59 31.84
N TRP A 617 -4.94 11.33 31.73
CA TRP A 617 -5.01 10.59 30.49
C TRP A 617 -5.60 9.21 30.75
N ALA A 618 -6.07 8.57 29.69
CA ALA A 618 -6.72 7.27 29.77
C ALA A 618 -6.24 6.40 28.62
N ILE A 619 -6.45 5.09 28.77
CA ILE A 619 -5.98 4.12 27.80
C ILE A 619 -7.14 3.58 26.98
N ARG A 620 -6.92 2.48 26.26
CA ARG A 620 -7.88 1.91 25.33
C ARG A 620 -8.81 2.95 24.73
N LEU A 649 -23.30 4.31 34.64
CA LEU A 649 -23.79 5.39 33.77
C LEU A 649 -24.97 4.91 32.94
N PRO A 650 -26.14 5.54 33.11
CA PRO A 650 -27.33 5.06 32.42
C PRO A 650 -27.42 5.54 30.99
N PHE A 651 -28.24 4.84 30.22
CA PHE A 651 -28.50 5.21 28.84
C PHE A 651 -29.46 6.40 28.78
N ASP A 652 -29.22 7.29 27.82
CA ASP A 652 -30.18 8.34 27.47
C ASP A 652 -31.59 7.77 27.39
N LYS A 653 -32.61 8.59 27.59
CA LYS A 653 -33.95 8.13 27.24
C LYS A 653 -34.09 8.10 25.72
N PRO A 654 -33.55 9.09 24.99
CA PRO A 654 -33.58 9.01 23.52
C PRO A 654 -33.01 7.71 22.96
N THR A 655 -32.02 7.12 23.62
CA THR A 655 -31.39 5.94 23.04
C THR A 655 -32.15 4.67 23.37
N ILE A 656 -32.71 4.55 24.59
CA ILE A 656 -33.50 3.36 24.88
C ILE A 656 -34.82 3.42 24.12
N MET A 657 -35.36 4.62 23.89
CA MET A 657 -36.57 4.73 23.07
C MET A 657 -36.30 4.30 21.64
N ALA A 658 -35.17 4.71 21.08
CA ALA A 658 -34.83 4.31 19.72
C ALA A 658 -34.51 2.81 19.66
N ALA A 659 -33.80 2.30 20.66
CA ALA A 659 -33.42 0.89 20.64
C ALA A 659 -34.65 0.00 20.68
N PHE A 660 -35.67 0.39 21.43
CA PHE A 660 -36.82 -0.48 21.69
C PHE A 660 -38.05 -0.12 20.87
N THR A 661 -37.87 0.63 19.79
CA THR A 661 -38.94 0.79 18.81
C THR A 661 -38.90 -0.30 17.76
N GLY A 662 -38.60 -1.53 18.19
CA GLY A 662 -38.52 -2.66 17.29
C GLY A 662 -39.78 -2.83 16.48
N ASN A 663 -39.71 -3.64 15.43
CA ASN A 663 -40.87 -3.86 14.56
C ASN A 663 -41.78 -4.93 15.17
N THR A 664 -42.18 -4.74 16.43
CA THR A 664 -43.31 -5.52 16.96
C THR A 664 -44.47 -5.48 15.97
N GLU A 665 -44.56 -4.38 15.21
CA GLU A 665 -45.40 -4.31 14.01
C GLU A 665 -45.42 -5.62 13.23
N GLY A 666 -44.24 -6.10 12.85
CA GLY A 666 -44.16 -7.22 11.93
C GLY A 666 -43.28 -8.39 12.32
N ARG A 667 -42.13 -8.52 11.65
CA ARG A 667 -41.37 -9.76 11.66
C ARG A 667 -40.74 -10.02 13.03
N THR A 668 -40.86 -11.26 13.50
CA THR A 668 -40.24 -11.79 14.70
C THR A 668 -39.37 -12.97 14.31
N SER A 669 -38.49 -13.39 15.22
CA SER A 669 -37.57 -14.43 14.78
C SER A 669 -36.81 -15.08 15.92
N ASP A 670 -36.27 -16.25 15.58
CA ASP A 670 -35.09 -16.85 16.17
C ASP A 670 -34.32 -15.97 17.13
N MET A 671 -33.32 -15.28 16.59
CA MET A 671 -32.30 -14.54 17.33
C MET A 671 -32.69 -13.09 17.54
N ARG A 672 -33.74 -12.63 16.87
CA ARG A 672 -34.27 -11.29 17.12
C ARG A 672 -34.95 -11.22 18.48
N ALA A 673 -35.63 -12.29 18.88
CA ALA A 673 -36.27 -12.31 20.20
C ALA A 673 -35.24 -12.48 21.31
N GLU A 674 -34.17 -13.25 21.06
CA GLU A 674 -33.13 -13.38 22.07
C GLU A 674 -32.38 -12.06 22.26
N ILE A 675 -32.05 -11.39 21.15
CA ILE A 675 -31.33 -10.12 21.26
C ILE A 675 -32.13 -9.14 22.11
N ILE A 676 -33.45 -9.09 21.90
CA ILE A 676 -34.29 -8.21 22.71
C ILE A 676 -34.14 -8.58 24.19
N ARG A 677 -34.24 -9.88 24.50
CA ARG A 677 -34.02 -10.32 25.88
C ARG A 677 -32.71 -9.75 26.43
N MET A 678 -31.63 -9.88 25.66
CA MET A 678 -30.34 -9.36 26.11
C MET A 678 -30.39 -7.85 26.31
N MET A 679 -31.18 -7.14 25.50
CA MET A 679 -31.24 -5.69 25.62
C MET A 679 -32.02 -5.26 26.86
N GLU A 680 -33.18 -5.87 27.08
CA GLU A 680 -33.96 -5.54 28.26
C GLU A 680 -33.26 -5.96 29.56
N GLY A 681 -32.19 -6.73 29.47
CA GLY A 681 -31.42 -7.09 30.64
C GLY A 681 -30.25 -6.16 30.89
N ALA A 682 -29.77 -5.52 29.82
CA ALA A 682 -28.67 -4.57 29.91
C ALA A 682 -27.50 -5.13 30.73
N GLY A 693 -8.68 2.84 32.41
CA GLY A 693 -8.15 3.51 33.58
C GLY A 693 -7.79 4.96 33.32
N VAL A 694 -7.58 5.72 34.40
CA VAL A 694 -7.22 7.13 34.32
C VAL A 694 -6.02 7.38 35.20
N PHE A 695 -5.05 8.15 34.69
CA PHE A 695 -3.79 8.37 35.37
C PHE A 695 -3.33 9.81 35.19
N GLU A 696 -2.56 10.29 36.16
CA GLU A 696 -1.98 11.62 36.07
C GLU A 696 -0.85 11.65 35.04
N LEU A 697 -0.70 12.79 34.36
CA LEU A 697 0.38 12.95 33.40
C LEU A 697 1.75 12.74 34.04
N SER A 698 1.87 12.98 35.35
CA SER A 698 3.09 12.61 36.04
C SER A 698 3.24 11.09 36.13
N ASP A 699 2.13 10.37 36.12
CA ASP A 699 2.11 8.91 36.11
C ASP A 699 2.28 8.45 34.67
N GLU A 700 3.53 8.20 34.28
CA GLU A 700 3.85 8.07 32.87
C GLU A 700 3.52 6.70 32.28
N LYS A 701 3.41 5.66 33.10
CA LYS A 701 3.12 4.31 32.60
C LYS A 701 2.11 3.61 33.49
N ALA A 702 1.16 4.36 34.04
CA ALA A 702 -0.03 3.80 34.67
C ALA A 702 0.28 3.03 35.95
N ALA A 703 0.82 3.71 36.95
CA ALA A 703 1.08 3.09 38.25
C ALA A 703 -0.08 3.32 39.22
N ASN A 704 -0.49 4.57 39.40
CA ASN A 704 -1.56 4.91 40.34
C ASN A 704 -2.82 5.29 39.59
N PRO A 705 -3.65 4.32 39.19
CA PRO A 705 -4.92 4.66 38.53
C PRO A 705 -5.81 5.48 39.46
N ILE A 706 -6.47 6.49 38.89
CA ILE A 706 -7.33 7.39 39.64
C ILE A 706 -8.78 6.92 39.46
N VAL A 707 -9.42 6.57 40.56
CA VAL A 707 -10.84 6.19 40.51
C VAL A 707 -11.67 7.42 40.16
N PRO A 708 -12.52 7.36 39.14
CA PRO A 708 -13.14 8.57 38.63
C PRO A 708 -14.32 9.05 39.47
N SER A 709 -14.60 10.34 39.35
CA SER A 709 -15.74 10.99 40.01
C SER A 709 -16.61 11.61 38.92
N PHE A 710 -17.68 10.92 38.56
CA PHE A 710 -18.61 11.43 37.56
C PHE A 710 -19.70 12.25 38.25
N ASP A 711 -19.96 13.43 37.72
CA ASP A 711 -21.08 14.26 38.18
C ASP A 711 -22.30 13.89 37.34
N MET A 712 -23.24 13.16 37.94
CA MET A 712 -24.40 12.67 37.22
C MET A 712 -25.34 13.78 36.77
N SER A 713 -25.09 15.02 37.18
CA SER A 713 -25.98 16.12 36.82
C SER A 713 -26.01 16.34 35.32
N ASN A 714 -24.86 16.28 34.67
CA ASN A 714 -24.81 16.66 33.26
C ASN A 714 -25.01 15.46 32.34
N GLU A 715 -25.49 15.74 31.14
CA GLU A 715 -25.82 14.70 30.18
C GLU A 715 -24.57 13.92 29.78
N GLY A 716 -24.79 12.70 29.31
CA GLY A 716 -23.71 11.81 28.99
C GLY A 716 -23.34 11.76 27.52
N SER A 717 -24.28 12.10 26.65
CA SER A 717 -24.08 11.96 25.20
C SER A 717 -23.78 13.32 24.58
N TYR A 718 -22.75 13.35 23.73
CA TYR A 718 -22.39 14.57 23.01
C TYR A 718 -23.53 15.05 22.12
N PHE A 719 -24.42 14.16 21.70
CA PHE A 719 -25.43 14.45 20.70
C PHE A 719 -26.79 14.78 21.30
N PHE A 720 -26.87 14.94 22.62
CA PHE A 720 -28.13 15.31 23.27
C PHE A 720 -28.46 16.75 22.94
N GLY A 721 -29.64 16.98 22.36
CA GLY A 721 -30.03 18.31 21.95
C GLY A 721 -29.10 18.90 20.92
N ASP A 722 -28.70 18.10 19.93
CA ASP A 722 -27.69 18.53 18.98
C ASP A 722 -28.17 19.73 18.17
N ASN A 723 -27.25 20.66 17.90
CA ASN A 723 -27.56 21.93 17.28
C ASN A 723 -26.71 22.20 16.04
N ALA A 724 -25.92 21.23 15.59
CA ALA A 724 -24.83 21.50 14.67
C ALA A 724 -25.26 21.38 13.22
N GLU A 725 -24.43 21.96 12.34
CA GLU A 725 -24.63 21.82 10.90
C GLU A 725 -24.63 20.35 10.51
N GLU A 726 -25.34 20.03 9.43
CA GLU A 726 -25.29 18.70 8.85
C GLU A 726 -24.20 18.67 7.79
N TYR A 727 -23.53 17.52 7.69
CA TYR A 727 -22.42 17.37 6.76
C TYR A 727 -22.89 17.64 5.33
N ASP A 728 -22.16 18.50 4.63
CA ASP A 728 -22.50 18.91 3.28
C ASP A 728 -23.99 19.21 3.14
N GLN B 251 -5.51 -21.54 7.73
CA GLN B 251 -6.34 -20.80 6.78
C GLN B 251 -5.67 -19.48 6.38
N ASN B 252 -4.62 -19.11 7.12
CA ASN B 252 -3.78 -18.01 6.66
C ASN B 252 -3.29 -18.25 5.25
N ALA B 253 -3.06 -19.52 4.90
CA ALA B 253 -2.62 -19.85 3.54
C ALA B 253 -3.70 -19.52 2.52
N THR B 254 -4.97 -19.76 2.85
CA THR B 254 -6.05 -19.42 1.93
C THR B 254 -6.09 -17.91 1.70
N GLU B 255 -5.85 -17.12 2.75
CA GLU B 255 -5.81 -15.67 2.61
C GLU B 255 -4.73 -15.23 1.61
N ILE B 256 -3.57 -15.87 1.66
CA ILE B 256 -2.46 -15.46 0.80
C ILE B 256 -2.74 -15.85 -0.65
N ARG B 257 -3.34 -17.03 -0.86
CA ARG B 257 -3.69 -17.42 -2.22
C ARG B 257 -4.70 -16.46 -2.83
N ALA B 258 -5.63 -15.96 -2.02
CA ALA B 258 -6.65 -15.04 -2.52
C ALA B 258 -6.03 -13.70 -2.90
N SER B 259 -5.20 -13.14 -2.02
CA SER B 259 -4.60 -11.84 -2.30
C SER B 259 -3.65 -11.91 -3.49
N VAL B 260 -2.92 -13.03 -3.62
CA VAL B 260 -2.08 -13.20 -4.79
C VAL B 260 -2.95 -13.33 -6.04
N GLY B 261 -4.05 -14.07 -5.94
CA GLY B 261 -4.99 -14.13 -7.06
C GLY B 261 -5.53 -12.76 -7.42
N LYS B 262 -5.86 -11.95 -6.41
CA LYS B 262 -6.35 -10.61 -6.68
C LYS B 262 -5.30 -9.79 -7.42
N MET B 263 -4.02 -9.97 -7.07
CA MET B 263 -2.95 -9.30 -7.82
C MET B 263 -2.92 -9.80 -9.26
N ILE B 264 -2.91 -11.12 -9.45
CA ILE B 264 -2.91 -11.69 -10.80
C ILE B 264 -4.08 -11.14 -11.59
N ASP B 265 -5.27 -11.16 -10.99
CA ASP B 265 -6.47 -10.69 -11.67
C ASP B 265 -6.34 -9.22 -12.09
N GLY B 266 -5.64 -8.42 -11.28
CA GLY B 266 -5.45 -7.02 -11.64
C GLY B 266 -4.49 -6.83 -12.79
N ILE B 267 -3.45 -7.66 -12.87
CA ILE B 267 -2.53 -7.56 -13.98
C ILE B 267 -3.24 -7.93 -15.28
N GLY B 268 -4.17 -8.88 -15.21
CA GLY B 268 -4.81 -9.35 -16.44
C GLY B 268 -5.85 -8.39 -16.96
N ARG B 269 -6.71 -7.88 -16.08
CA ARG B 269 -7.73 -6.93 -16.54
C ARG B 269 -7.09 -5.63 -17.02
N PHE B 270 -5.91 -5.29 -16.50
CA PHE B 270 -5.20 -4.13 -17.01
C PHE B 270 -4.72 -4.39 -18.44
N TYR B 271 -3.99 -5.50 -18.64
CA TYR B 271 -3.53 -5.84 -19.98
C TYR B 271 -4.71 -5.94 -20.94
N ILE B 272 -5.83 -6.50 -20.48
CA ILE B 272 -7.02 -6.57 -21.33
C ILE B 272 -7.48 -5.18 -21.72
N GLN B 273 -7.48 -4.25 -20.76
CA GLN B 273 -7.92 -2.89 -21.06
C GLN B 273 -6.95 -2.17 -21.98
N MET B 274 -5.65 -2.29 -21.71
CA MET B 274 -4.67 -1.60 -22.55
C MET B 274 -4.72 -2.13 -23.97
N CYS B 275 -4.83 -3.44 -24.14
CA CYS B 275 -4.92 -4.01 -25.48
C CYS B 275 -6.10 -3.42 -26.25
N THR B 276 -7.15 -2.99 -25.54
CA THR B 276 -8.28 -2.36 -26.21
C THR B 276 -7.95 -0.93 -26.62
N GLU B 277 -7.35 -0.16 -25.71
CA GLU B 277 -7.00 1.22 -26.04
C GLU B 277 -6.00 1.29 -27.20
N LEU B 278 -5.06 0.35 -27.25
CA LEU B 278 -4.10 0.27 -28.34
C LEU B 278 -4.65 -0.44 -29.56
N LYS B 279 -5.91 -0.89 -29.52
CA LYS B 279 -6.58 -1.51 -30.65
C LYS B 279 -5.72 -2.64 -31.25
N LEU B 280 -5.35 -3.57 -30.39
CA LEU B 280 -4.48 -4.68 -30.75
C LEU B 280 -5.29 -5.94 -31.03
N SER B 281 -4.91 -6.66 -32.07
CA SER B 281 -5.51 -7.95 -32.34
C SER B 281 -5.30 -8.89 -31.16
N ASP B 282 -5.99 -10.03 -31.20
CA ASP B 282 -5.76 -11.06 -30.18
C ASP B 282 -4.37 -11.67 -30.34
N TYR B 283 -3.91 -11.82 -31.57
CA TYR B 283 -2.53 -12.26 -31.81
C TYR B 283 -1.54 -11.22 -31.31
N GLU B 284 -1.72 -9.97 -31.71
CA GLU B 284 -0.82 -8.91 -31.29
C GLU B 284 -0.83 -8.76 -29.77
N GLY B 285 -2.00 -8.92 -29.15
CA GLY B 285 -2.06 -8.89 -27.70
C GLY B 285 -1.22 -9.97 -27.06
N ARG B 286 -1.19 -11.15 -27.67
CA ARG B 286 -0.38 -12.25 -27.17
C ARG B 286 1.07 -12.15 -27.60
N LEU B 287 1.46 -11.07 -28.29
CA LEU B 287 2.85 -10.87 -28.69
C LEU B 287 3.64 -10.38 -27.49
N ILE B 288 4.68 -11.11 -27.11
CA ILE B 288 5.42 -10.77 -25.90
C ILE B 288 6.07 -9.40 -26.04
N GLN B 289 6.52 -9.05 -27.25
CA GLN B 289 7.12 -7.74 -27.45
C GLN B 289 6.17 -6.63 -27.01
N ASN B 290 4.91 -6.70 -27.47
CA ASN B 290 3.92 -5.73 -27.01
C ASN B 290 3.71 -5.83 -25.51
N SER B 291 3.77 -7.04 -24.97
CA SER B 291 3.56 -7.21 -23.54
C SER B 291 4.55 -6.41 -22.72
N LEU B 292 5.83 -6.41 -23.11
CA LEU B 292 6.80 -5.69 -22.29
C LEU B 292 6.63 -4.18 -22.47
N THR B 293 6.31 -3.73 -23.69
CA THR B 293 6.06 -2.31 -23.87
C THR B 293 4.94 -1.84 -22.93
N ILE B 294 3.83 -2.58 -22.89
CA ILE B 294 2.73 -2.19 -22.02
C ILE B 294 3.16 -2.27 -20.56
N GLU B 295 3.83 -3.36 -20.18
CA GLU B 295 4.30 -3.50 -18.81
C GLU B 295 5.21 -2.35 -18.42
N ARG B 296 6.19 -2.01 -19.27
CA ARG B 296 7.11 -0.93 -18.94
C ARG B 296 6.39 0.41 -18.83
N MET B 297 5.31 0.60 -19.61
CA MET B 297 4.58 1.85 -19.54
C MET B 297 3.92 2.03 -18.18
N VAL B 298 3.44 0.94 -17.59
CA VAL B 298 2.80 1.02 -16.27
C VAL B 298 3.82 1.42 -15.21
N LEU B 299 4.96 0.72 -15.20
CA LEU B 299 5.99 1.01 -14.21
C LEU B 299 6.49 2.44 -14.35
N SER B 300 6.58 2.95 -15.58
CA SER B 300 6.97 4.33 -15.78
C SER B 300 5.94 5.28 -15.20
N ALA B 301 4.66 5.02 -15.47
CA ALA B 301 3.61 5.92 -15.01
C ALA B 301 3.60 6.02 -13.50
N PHE B 302 4.00 4.96 -12.80
CA PHE B 302 4.08 4.96 -11.34
C PHE B 302 5.48 5.22 -10.82
N ASP B 303 6.51 4.99 -11.62
CA ASP B 303 7.87 5.32 -11.21
C ASP B 303 8.03 6.83 -11.02
N GLU B 304 7.45 7.61 -11.93
CA GLU B 304 7.58 9.06 -11.91
C GLU B 304 9.05 9.47 -11.85
N ARG B 305 9.88 8.76 -12.62
CA ARG B 305 11.30 9.05 -12.77
C ARG B 305 12.07 8.95 -11.46
N ARG B 306 11.54 8.23 -10.48
CA ARG B 306 12.25 7.97 -9.24
C ARG B 306 13.15 6.74 -9.32
N ASN B 307 13.08 5.98 -10.41
CA ASN B 307 13.88 4.78 -10.60
C ASN B 307 13.71 3.83 -9.42
N LYS B 308 12.44 3.58 -9.06
CA LYS B 308 12.07 2.56 -8.09
C LYS B 308 11.58 1.27 -8.74
N TYR B 309 10.74 1.40 -9.77
CA TYR B 309 10.30 0.25 -10.55
C TYR B 309 11.01 0.15 -11.89
N LEU B 310 11.82 1.14 -12.26
CA LEU B 310 12.16 1.35 -13.66
C LEU B 310 13.48 2.10 -13.77
N GLU B 311 14.08 2.03 -14.95
CA GLU B 311 15.20 2.89 -15.31
C GLU B 311 15.11 3.12 -16.81
N GLU B 312 15.08 4.40 -17.20
CA GLU B 312 14.75 4.78 -18.56
C GLU B 312 15.91 5.47 -19.25
N HIS B 313 15.93 5.39 -20.58
CA HIS B 313 16.90 6.12 -21.37
C HIS B 313 16.54 7.60 -21.38
N PRO B 314 17.53 8.50 -21.33
CA PRO B 314 17.22 9.93 -21.54
C PRO B 314 16.50 10.17 -22.87
N LYS B 318 12.10 14.13 -24.88
CA LYS B 318 10.78 13.60 -24.53
C LYS B 318 10.17 14.40 -23.37
N ASP B 319 8.85 14.34 -23.26
CA ASP B 319 8.15 14.95 -22.14
C ASP B 319 8.28 14.04 -20.92
N PRO B 320 8.80 14.53 -19.79
CA PRO B 320 8.96 13.65 -18.62
C PRO B 320 7.64 13.13 -18.06
N LYS B 321 6.49 13.67 -18.50
CA LYS B 321 5.20 13.24 -17.97
C LYS B 321 4.43 12.35 -18.94
N LYS B 322 5.09 11.85 -19.99
CA LYS B 322 4.50 10.89 -20.91
C LYS B 322 5.34 9.63 -20.93
N THR B 323 4.70 8.50 -21.24
CA THR B 323 5.37 7.22 -21.31
C THR B 323 4.86 6.47 -22.54
N GLY B 324 5.68 5.57 -23.05
CA GLY B 324 5.31 4.83 -24.23
C GLY B 324 6.40 3.86 -24.64
N GLY B 325 6.35 3.46 -25.90
CA GLY B 325 7.29 2.50 -26.43
C GLY B 325 6.81 1.86 -27.71
N PRO B 326 7.58 0.91 -28.24
CA PRO B 326 7.24 0.31 -29.54
C PRO B 326 6.09 -0.69 -29.39
N ILE B 327 5.02 -0.46 -30.14
CA ILE B 327 3.89 -1.39 -30.27
C ILE B 327 3.97 -2.00 -31.66
N TYR B 328 3.87 -3.31 -31.73
CA TYR B 328 4.07 -4.05 -32.97
C TYR B 328 2.74 -4.61 -33.47
N LYS B 329 2.42 -4.33 -34.72
CA LYS B 329 1.20 -4.81 -35.36
C LYS B 329 1.56 -5.44 -36.70
N ARG B 330 0.69 -6.34 -37.15
CA ARG B 330 0.85 -7.00 -38.44
C ARG B 330 -0.25 -6.48 -39.36
N VAL B 331 0.14 -5.74 -40.39
CA VAL B 331 -0.80 -5.17 -41.35
C VAL B 331 -0.41 -5.63 -42.75
N ASP B 332 -1.35 -6.24 -43.45
CA ASP B 332 -1.14 -6.76 -44.80
C ASP B 332 0.18 -7.54 -44.91
N GLY B 333 0.39 -8.44 -43.96
CA GLY B 333 1.43 -9.44 -44.05
C GLY B 333 2.70 -9.13 -43.30
N LYS B 334 3.08 -7.86 -43.21
CA LYS B 334 4.33 -7.45 -42.59
C LYS B 334 4.11 -7.03 -41.14
N TRP B 335 5.19 -7.08 -40.37
CA TRP B 335 5.18 -6.58 -39.01
C TRP B 335 5.68 -5.15 -39.00
N MET B 336 4.93 -4.26 -38.34
CA MET B 336 5.24 -2.84 -38.31
C MET B 336 5.44 -2.40 -36.86
N ARG B 337 6.45 -1.56 -36.65
CA ARG B 337 6.74 -1.01 -35.33
C ARG B 337 6.08 0.37 -35.22
N GLU B 338 5.12 0.49 -34.30
CA GLU B 338 4.40 1.73 -34.07
C GLU B 338 4.73 2.24 -32.67
N LEU B 339 5.20 3.48 -32.59
CA LEU B 339 5.51 4.10 -31.31
C LEU B 339 4.28 4.81 -30.76
N VAL B 340 3.93 4.49 -29.52
CA VAL B 340 2.74 5.06 -28.89
C VAL B 340 3.17 5.89 -27.68
N LEU B 341 2.36 6.90 -27.38
CA LEU B 341 2.63 7.82 -26.27
C LEU B 341 1.36 7.99 -25.45
N TYR B 342 1.49 7.91 -24.13
CA TYR B 342 0.36 8.10 -23.22
C TYR B 342 0.83 8.91 -22.02
N ASP B 343 -0.06 9.77 -21.53
CA ASP B 343 0.24 10.51 -20.31
C ASP B 343 0.33 9.53 -19.13
N LYS B 344 1.39 9.66 -18.34
CA LYS B 344 1.57 8.79 -17.19
C LYS B 344 0.32 8.79 -16.31
N GLY B 345 -0.31 9.95 -16.17
CA GLY B 345 -1.50 10.04 -15.32
C GLY B 345 -2.62 9.15 -15.79
N GLU B 346 -2.81 9.06 -17.11
CA GLU B 346 -3.90 8.24 -17.63
C GLU B 346 -3.58 6.75 -17.51
N ILE B 347 -2.32 6.38 -17.68
CA ILE B 347 -1.93 4.99 -17.47
C ILE B 347 -2.15 4.60 -16.02
N ARG B 348 -1.79 5.49 -15.10
CA ARG B 348 -2.07 5.22 -13.68
C ARG B 348 -3.55 4.99 -13.45
N ARG B 349 -4.40 5.78 -14.10
CA ARG B 349 -5.84 5.62 -13.91
C ARG B 349 -6.34 4.28 -14.45
N ILE B 350 -5.76 3.83 -15.56
CA ILE B 350 -6.19 2.55 -16.12
C ILE B 350 -5.74 1.40 -15.23
N TRP B 351 -4.54 1.51 -14.67
CA TRP B 351 -4.09 0.49 -13.72
C TRP B 351 -4.99 0.45 -12.50
N ARG B 352 -5.26 1.61 -11.90
CA ARG B 352 -6.04 1.65 -10.66
C ARG B 352 -7.46 1.18 -10.90
N GLN B 353 -8.04 1.52 -12.05
CA GLN B 353 -9.37 1.01 -12.38
C GLN B 353 -9.33 -0.50 -12.59
N ALA B 354 -8.23 -1.03 -13.12
CA ALA B 354 -8.12 -2.47 -13.30
C ALA B 354 -7.95 -3.21 -11.98
N ASN B 355 -7.59 -2.51 -10.91
CA ASN B 355 -7.38 -3.11 -9.59
C ASN B 355 -8.40 -2.60 -8.58
N ASN B 356 -9.56 -2.17 -9.07
CA ASN B 356 -10.65 -1.70 -8.21
C ASN B 356 -10.22 -0.49 -7.39
N GLY B 357 -9.48 0.42 -8.02
CA GLY B 357 -9.10 1.66 -7.40
C GLY B 357 -7.86 1.60 -6.52
N ASP B 358 -7.33 0.41 -6.26
CA ASP B 358 -6.16 0.29 -5.40
C ASP B 358 -4.89 0.59 -6.19
N ASP B 359 -3.85 1.02 -5.47
CA ASP B 359 -2.56 1.24 -6.11
C ASP B 359 -1.95 -0.09 -6.57
N ALA B 360 -2.19 -1.17 -5.82
CA ALA B 360 -1.72 -2.50 -6.19
C ALA B 360 -0.23 -2.49 -6.48
N THR B 361 0.53 -1.93 -5.54
CA THR B 361 1.99 -1.92 -5.67
C THR B 361 2.54 -3.31 -5.95
N ALA B 362 1.90 -4.35 -5.40
CA ALA B 362 2.43 -5.70 -5.54
C ALA B 362 2.45 -6.15 -7.00
N GLY B 363 1.39 -5.83 -7.75
CA GLY B 363 1.37 -6.19 -9.15
C GLY B 363 2.46 -5.49 -9.95
N LEU B 364 2.71 -4.21 -9.65
CA LEU B 364 3.82 -3.50 -10.29
C LEU B 364 5.13 -4.18 -9.96
N THR B 365 5.37 -4.48 -8.68
CA THR B 365 6.55 -5.23 -8.28
C THR B 365 6.63 -6.54 -9.04
N HIS B 366 5.51 -7.26 -9.14
CA HIS B 366 5.47 -8.52 -9.89
C HIS B 366 6.00 -8.32 -11.30
N MET B 367 5.48 -7.33 -12.02
CA MET B 367 5.97 -7.05 -13.36
C MET B 367 7.46 -6.72 -13.35
N MET B 368 7.87 -5.86 -12.41
CA MET B 368 9.28 -5.48 -12.34
C MET B 368 10.18 -6.70 -12.21
N ILE B 369 9.79 -7.67 -11.39
CA ILE B 369 10.64 -8.84 -11.17
C ILE B 369 10.66 -9.71 -12.41
N TRP B 370 9.52 -9.83 -13.11
CA TRP B 370 9.50 -10.56 -14.37
C TRP B 370 10.50 -9.98 -15.36
N HIS B 371 10.55 -8.65 -15.48
CA HIS B 371 11.54 -8.02 -16.34
C HIS B 371 12.95 -8.30 -15.83
N SER B 372 13.13 -8.31 -14.51
CA SER B 372 14.44 -8.60 -13.95
C SER B 372 14.87 -10.02 -14.28
N ASN B 373 13.93 -10.97 -14.24
CA ASN B 373 14.26 -12.35 -14.58
C ASN B 373 14.55 -12.50 -16.06
N LEU B 374 13.81 -11.77 -16.90
CA LEU B 374 14.06 -11.83 -18.34
C LEU B 374 15.47 -11.33 -18.67
N ASN B 375 15.90 -10.25 -18.03
CA ASN B 375 17.22 -9.71 -18.30
C ASN B 375 18.31 -10.62 -17.76
N ASP B 376 18.11 -11.19 -16.57
CA ASP B 376 19.07 -12.15 -16.05
C ASP B 376 19.26 -13.31 -17.00
N THR B 377 18.21 -13.68 -17.73
CA THR B 377 18.27 -14.80 -18.67
C THR B 377 18.84 -14.40 -20.03
N THR B 378 18.78 -13.11 -20.37
CA THR B 378 19.14 -12.65 -21.70
C THR B 378 20.55 -12.05 -21.78
N TYR B 379 20.94 -11.23 -20.81
CA TYR B 379 22.12 -10.39 -20.97
C TYR B 379 23.26 -10.83 -20.06
N GLN B 380 24.47 -10.50 -20.48
CA GLN B 380 25.71 -10.79 -19.78
C GLN B 380 26.02 -9.65 -18.81
N ARG B 381 26.77 -9.99 -17.76
CA ARG B 381 27.24 -9.00 -16.81
C ARG B 381 28.73 -9.16 -16.54
N THR B 382 29.46 -9.74 -17.50
CA THR B 382 30.89 -9.99 -17.31
C THR B 382 31.70 -8.71 -17.30
N ARG B 383 31.26 -7.69 -18.05
CA ARG B 383 31.96 -6.41 -18.02
C ARG B 383 31.77 -5.71 -16.68
N ALA B 384 30.51 -5.62 -16.23
CA ALA B 384 30.24 -5.05 -14.91
C ALA B 384 31.11 -5.70 -13.86
N LEU B 385 31.21 -7.03 -13.89
CA LEU B 385 32.04 -7.74 -12.92
C LEU B 385 33.50 -7.31 -13.03
N VAL B 386 34.04 -7.33 -14.24
CA VAL B 386 35.45 -7.04 -14.43
C VAL B 386 35.77 -5.59 -14.04
N ARG B 387 34.91 -4.65 -14.43
CA ARG B 387 35.13 -3.25 -14.07
C ARG B 387 34.91 -2.99 -12.59
N THR B 388 34.30 -3.91 -11.86
CA THR B 388 34.15 -3.82 -10.42
C THR B 388 35.20 -4.63 -9.67
N GLY B 389 36.19 -5.16 -10.38
CA GLY B 389 37.24 -5.95 -9.77
C GLY B 389 36.87 -7.35 -9.38
N MET B 390 35.66 -7.81 -9.70
CA MET B 390 35.21 -9.13 -9.33
C MET B 390 35.51 -10.12 -10.46
N ASP B 391 35.42 -11.41 -10.13
CA ASP B 391 35.78 -12.46 -11.08
C ASP B 391 34.61 -12.73 -12.03
N PRO B 392 34.88 -12.91 -13.32
CA PRO B 392 33.78 -13.21 -14.26
C PRO B 392 33.01 -14.46 -13.91
N ARG B 393 33.62 -15.42 -13.21
CA ARG B 393 32.91 -16.66 -12.86
C ARG B 393 31.86 -16.47 -11.77
N MET B 394 31.65 -15.23 -11.31
CA MET B 394 30.60 -14.94 -10.35
C MET B 394 29.26 -14.69 -11.03
N CYS B 395 29.15 -14.96 -12.34
CA CYS B 395 27.90 -14.73 -13.05
C CYS B 395 26.73 -15.42 -12.35
N SER B 396 26.96 -16.61 -11.81
CA SER B 396 25.88 -17.39 -11.21
C SER B 396 25.34 -16.79 -9.92
N LEU B 397 25.89 -15.68 -9.44
CA LEU B 397 25.36 -15.03 -8.24
C LEU B 397 24.78 -13.65 -8.55
N MET B 398 24.53 -13.35 -9.82
CA MET B 398 24.13 -12.02 -10.25
C MET B 398 22.62 -11.89 -10.45
N GLN B 399 21.81 -12.70 -9.80
CA GLN B 399 20.37 -12.59 -9.97
C GLN B 399 19.91 -11.20 -9.59
N GLY B 400 19.01 -10.63 -10.40
CA GLY B 400 18.47 -9.32 -10.11
C GLY B 400 19.44 -8.18 -10.25
N SER B 401 20.53 -8.36 -11.00
CA SER B 401 21.53 -7.30 -11.13
C SER B 401 21.06 -6.15 -12.00
N THR B 402 19.88 -6.25 -12.61
CA THR B 402 19.34 -5.18 -13.44
C THR B 402 18.16 -4.47 -12.80
N LEU B 403 17.77 -4.86 -11.58
CA LEU B 403 16.70 -4.15 -10.90
C LEU B 403 17.11 -2.69 -10.68
N PRO B 404 16.15 -1.77 -10.67
CA PRO B 404 16.49 -0.36 -10.50
C PRO B 404 17.26 -0.10 -9.22
N ARG B 405 17.79 1.12 -9.13
CA ARG B 405 18.64 1.52 -8.02
C ARG B 405 17.88 1.53 -6.69
N ARG B 406 16.75 2.21 -6.65
CA ARG B 406 15.93 2.35 -5.45
C ARG B 406 14.79 1.34 -5.45
N SER B 407 15.11 0.08 -5.79
CA SER B 407 14.08 -0.93 -5.93
C SER B 407 13.41 -1.27 -4.61
N GLY B 408 14.14 -1.15 -3.50
CA GLY B 408 13.55 -1.38 -2.20
C GLY B 408 13.46 -2.85 -1.83
N ALA B 409 12.65 -3.12 -0.80
CA ALA B 409 12.54 -4.47 -0.27
C ALA B 409 12.01 -5.45 -1.31
N ALA B 410 11.16 -4.97 -2.22
CA ALA B 410 10.58 -5.86 -3.22
C ALA B 410 11.66 -6.61 -3.99
N GLY B 411 12.64 -5.89 -4.53
CA GLY B 411 13.68 -6.50 -5.32
C GLY B 411 14.88 -6.94 -4.50
N ALA B 412 14.99 -6.41 -3.28
CA ALA B 412 16.07 -6.82 -2.39
C ALA B 412 16.01 -8.32 -2.13
N ALA B 413 14.80 -8.87 -1.99
CA ALA B 413 14.66 -10.28 -1.68
C ALA B 413 15.23 -11.16 -2.78
N VAL B 414 15.20 -10.69 -4.03
CA VAL B 414 15.60 -11.52 -5.16
C VAL B 414 17.01 -11.25 -5.64
N LYS B 415 17.65 -10.18 -5.17
CA LYS B 415 19.01 -9.87 -5.60
C LYS B 415 19.97 -10.93 -5.08
N GLY B 416 20.85 -11.40 -5.95
CA GLY B 416 21.81 -12.42 -5.56
C GLY B 416 22.92 -11.86 -4.72
N VAL B 417 23.73 -12.78 -4.17
CA VAL B 417 24.89 -12.36 -3.40
C VAL B 417 25.82 -11.50 -4.24
N GLY B 418 26.00 -11.88 -5.51
CA GLY B 418 26.89 -11.13 -6.38
C GLY B 418 26.35 -9.79 -6.80
N THR B 419 25.02 -9.62 -6.79
CA THR B 419 24.45 -8.32 -7.09
C THR B 419 24.73 -7.33 -5.96
N MET B 420 24.56 -7.75 -4.71
CA MET B 420 24.80 -6.84 -3.59
C MET B 420 26.29 -6.52 -3.45
N VAL B 421 27.16 -7.50 -3.70
CA VAL B 421 28.59 -7.25 -3.55
C VAL B 421 29.06 -6.22 -4.57
N MET B 422 28.56 -6.30 -5.80
CA MET B 422 28.91 -5.29 -6.80
C MET B 422 28.35 -3.93 -6.41
N GLU B 423 27.10 -3.90 -5.94
CA GLU B 423 26.52 -2.63 -5.50
C GLU B 423 27.35 -2.01 -4.39
N LEU B 424 27.81 -2.83 -3.44
CA LEU B 424 28.57 -2.31 -2.31
C LEU B 424 29.98 -1.89 -2.72
N ILE B 425 30.63 -2.68 -3.59
CA ILE B 425 31.98 -2.33 -4.02
C ILE B 425 31.96 -1.03 -4.81
N ARG B 426 30.97 -0.87 -5.71
CA ARG B 426 30.85 0.38 -6.44
C ARG B 426 30.74 1.57 -5.49
N MET B 427 29.91 1.44 -4.46
CA MET B 427 29.74 2.54 -3.51
C MET B 427 31.01 2.79 -2.72
N ILE B 428 31.69 1.72 -2.28
CA ILE B 428 32.95 1.90 -1.56
C ILE B 428 33.96 2.63 -2.43
N LYS B 429 34.13 2.18 -3.67
CA LYS B 429 35.11 2.80 -4.56
C LYS B 429 34.74 4.23 -4.91
N ARG B 430 33.50 4.64 -4.68
CA ARG B 430 33.14 6.05 -4.79
C ARG B 430 33.52 6.85 -3.55
N GLY B 431 33.88 6.17 -2.46
CA GLY B 431 34.28 6.84 -1.24
C GLY B 431 35.78 7.00 -1.13
N ILE B 432 36.53 6.09 -1.75
CA ILE B 432 37.99 6.22 -1.74
C ILE B 432 38.40 7.50 -2.46
N ASN B 433 37.61 7.95 -3.43
CA ASN B 433 37.98 9.12 -4.22
C ASN B 433 37.56 10.41 -3.55
N ASP B 434 36.34 10.45 -2.99
CA ASP B 434 35.81 11.65 -2.36
C ASP B 434 35.94 11.54 -0.85
N ARG B 435 36.64 12.51 -0.24
CA ARG B 435 36.81 12.51 1.21
C ARG B 435 35.55 12.90 1.94
N ASN B 436 34.63 13.61 1.28
CA ASN B 436 33.37 14.01 1.88
C ASN B 436 32.23 13.05 1.55
N PHE B 437 32.55 11.84 1.10
CA PHE B 437 31.50 10.90 0.72
C PHE B 437 30.62 10.54 1.90
N TRP B 438 31.21 10.30 3.06
CA TRP B 438 30.46 9.93 4.26
C TRP B 438 30.26 11.09 5.22
N ARG B 439 30.42 12.33 4.75
CA ARG B 439 30.32 13.50 5.61
C ARG B 439 29.05 14.28 5.30
N GLY B 440 28.75 15.24 6.18
CA GLY B 440 27.50 15.97 6.10
C GLY B 440 26.34 15.09 6.56
N GLU B 441 25.14 15.54 6.24
CA GLU B 441 23.94 14.71 6.42
C GLU B 441 23.51 14.05 5.12
N ASN B 442 24.21 14.32 4.02
CA ASN B 442 24.20 13.39 2.91
C ASN B 442 25.02 12.15 3.25
N GLY B 443 26.12 12.34 3.98
CA GLY B 443 26.92 11.20 4.41
C GLY B 443 26.18 10.34 5.42
N ARG B 444 25.47 10.96 6.36
CA ARG B 444 24.78 10.20 7.40
C ARG B 444 23.63 9.36 6.85
N LYS B 445 23.30 9.51 5.56
CA LYS B 445 22.31 8.65 4.92
C LYS B 445 22.88 7.77 3.82
N THR B 446 23.92 8.22 3.12
CA THR B 446 24.65 7.30 2.24
C THR B 446 25.30 6.18 3.06
N ARG B 447 25.60 6.45 4.32
CA ARG B 447 26.09 5.42 5.22
C ARG B 447 24.96 4.52 5.72
N SER B 448 23.76 5.09 5.90
CA SER B 448 22.61 4.25 6.22
C SER B 448 22.32 3.27 5.09
N ALA B 449 22.35 3.74 3.84
CA ALA B 449 22.16 2.84 2.71
C ALA B 449 23.23 1.76 2.68
N TYR B 450 24.49 2.15 2.88
CA TYR B 450 25.56 1.18 3.01
C TYR B 450 25.26 0.17 4.12
N GLU B 451 24.77 0.66 5.26
CA GLU B 451 24.48 -0.24 6.37
C GLU B 451 23.37 -1.22 6.01
N ARG B 452 22.29 -0.73 5.39
CA ARG B 452 21.15 -1.58 5.12
C ARG B 452 21.46 -2.59 4.00
N MET B 453 22.23 -2.17 2.99
CA MET B 453 22.65 -3.13 1.96
C MET B 453 23.54 -4.21 2.56
N CYS B 454 24.35 -3.85 3.56
CA CYS B 454 25.14 -4.86 4.26
C CYS B 454 24.23 -5.84 4.99
N ASN B 455 23.17 -5.34 5.63
CA ASN B 455 22.25 -6.22 6.35
C ASN B 455 21.44 -7.06 5.38
N ILE B 456 21.13 -6.55 4.19
CA ILE B 456 20.45 -7.36 3.19
C ILE B 456 21.35 -8.49 2.71
N LEU B 457 22.57 -8.15 2.32
CA LEU B 457 23.55 -9.18 1.94
C LEU B 457 23.80 -10.13 3.11
N LYS B 458 23.96 -9.60 4.31
CA LYS B 458 24.18 -10.45 5.48
C LYS B 458 23.06 -11.48 5.61
N GLY B 459 21.83 -11.08 5.32
CA GLY B 459 20.70 -11.99 5.48
C GLY B 459 20.69 -13.15 4.51
N LYS B 460 21.44 -13.05 3.42
CA LYS B 460 21.44 -14.08 2.40
C LYS B 460 22.45 -15.18 2.65
N PHE B 461 23.36 -15.00 3.60
CA PHE B 461 24.33 -16.03 3.94
C PHE B 461 23.76 -16.95 5.00
N GLN B 462 24.03 -18.25 4.85
CA GLN B 462 23.48 -19.27 5.74
C GLN B 462 24.54 -19.89 6.64
N THR B 463 25.66 -19.20 6.83
CA THR B 463 26.69 -19.61 7.80
C THR B 463 27.00 -18.42 8.69
N ALA B 464 27.14 -18.69 10.00
CA ALA B 464 27.41 -17.61 10.93
C ALA B 464 28.73 -16.92 10.62
N ALA B 465 29.71 -17.65 10.08
CA ALA B 465 31.00 -17.04 9.73
C ALA B 465 30.83 -16.02 8.62
N GLN B 466 30.02 -16.36 7.60
CA GLN B 466 29.77 -15.41 6.52
C GLN B 466 29.08 -14.16 7.04
N ARG B 467 28.03 -14.34 7.85
CA ARG B 467 27.32 -13.18 8.38
C ARG B 467 28.19 -12.37 9.33
N ALA B 468 28.97 -13.05 10.18
CA ALA B 468 29.84 -12.33 11.09
C ALA B 468 30.83 -11.44 10.33
N MET B 469 31.34 -11.94 9.21
CA MET B 469 32.26 -11.15 8.42
C MET B 469 31.56 -9.96 7.76
N MET B 470 30.27 -10.08 7.46
CA MET B 470 29.57 -8.92 6.91
C MET B 470 29.37 -7.87 7.99
N ASP B 471 29.14 -8.29 9.24
CA ASP B 471 29.05 -7.32 10.32
C ASP B 471 30.31 -6.46 10.39
N GLN B 472 31.48 -7.07 10.19
CA GLN B 472 32.73 -6.31 10.20
C GLN B 472 32.72 -5.26 9.11
N VAL B 473 32.30 -5.64 7.90
CA VAL B 473 32.31 -4.70 6.77
C VAL B 473 31.35 -3.55 7.02
N ARG B 474 30.26 -3.80 7.75
CA ARG B 474 29.26 -2.75 7.96
C ARG B 474 29.73 -1.71 8.97
N GLU B 475 30.52 -2.12 9.96
CA GLU B 475 30.97 -1.22 11.02
C GLU B 475 32.24 -0.46 10.65
N SER B 476 32.71 -0.57 9.41
CA SER B 476 33.86 0.19 8.94
C SER B 476 33.41 1.59 8.58
N ARG B 477 33.91 2.60 9.30
CA ARG B 477 33.40 3.96 9.13
C ARG B 477 33.74 4.52 7.76
N ASN B 478 34.98 4.33 7.29
CA ASN B 478 35.41 4.77 5.96
C ASN B 478 35.89 3.54 5.19
N PRO B 479 34.97 2.77 4.61
CA PRO B 479 35.36 1.53 3.92
C PRO B 479 36.37 1.80 2.81
N GLY B 480 37.48 1.06 2.86
CA GLY B 480 38.50 1.16 1.83
C GLY B 480 38.65 -0.14 1.07
N ASN B 481 39.83 -0.37 0.49
CA ASN B 481 40.03 -1.58 -0.31
C ASN B 481 40.04 -2.84 0.54
N ALA B 482 40.25 -2.71 1.86
CA ALA B 482 40.24 -3.89 2.72
C ALA B 482 38.87 -4.56 2.72
N GLU B 483 37.80 -3.78 2.80
CA GLU B 483 36.45 -4.33 2.81
C GLU B 483 36.00 -4.77 1.42
N ILE B 484 36.66 -4.29 0.37
CA ILE B 484 36.38 -4.79 -0.97
C ILE B 484 36.92 -6.20 -1.13
N GLU B 485 38.14 -6.45 -0.63
CA GLU B 485 38.69 -7.80 -0.66
C GLU B 485 37.89 -8.75 0.21
N ASP B 486 37.34 -8.25 1.32
CA ASP B 486 36.47 -9.08 2.15
C ASP B 486 35.23 -9.51 1.38
N LEU B 487 34.56 -8.54 0.73
CA LEU B 487 33.36 -8.87 -0.04
C LEU B 487 33.70 -9.79 -1.21
N ILE B 488 34.88 -9.61 -1.83
CA ILE B 488 35.29 -10.52 -2.89
C ILE B 488 35.41 -11.93 -2.34
N PHE B 489 36.01 -12.07 -1.15
CA PHE B 489 36.11 -13.38 -0.52
C PHE B 489 34.73 -13.96 -0.25
N LEU B 490 33.83 -13.16 0.31
CA LEU B 490 32.49 -13.65 0.61
C LEU B 490 31.77 -14.07 -0.68
N ALA B 491 32.00 -13.35 -1.77
CA ALA B 491 31.38 -13.72 -3.04
C ALA B 491 31.89 -15.07 -3.53
N ARG B 492 33.19 -15.33 -3.37
CA ARG B 492 33.74 -16.63 -3.77
C ARG B 492 33.19 -17.75 -2.90
N SER B 493 33.03 -17.50 -1.59
CA SER B 493 32.46 -18.51 -0.72
C SER B 493 31.03 -18.83 -1.12
N ALA B 494 30.28 -17.82 -1.56
CA ALA B 494 28.89 -18.02 -1.95
C ALA B 494 28.73 -18.93 -3.15
N LEU B 495 29.82 -19.22 -3.87
CA LEU B 495 29.72 -20.17 -4.98
C LEU B 495 29.59 -21.60 -4.46
N ILE B 496 30.32 -21.94 -3.39
CA ILE B 496 30.26 -23.28 -2.82
C ILE B 496 29.21 -23.30 -1.72
N LEU B 497 29.44 -22.53 -0.66
CA LEU B 497 28.45 -22.36 0.40
C LEU B 497 27.38 -21.41 -0.11
N ARG B 498 26.47 -21.96 -0.92
CA ARG B 498 25.46 -21.16 -1.61
C ARG B 498 24.68 -20.32 -0.60
N GLY B 499 24.20 -19.17 -1.08
CA GLY B 499 23.38 -18.28 -0.28
C GLY B 499 21.90 -18.52 -0.54
N SER B 500 21.09 -17.88 0.29
CA SER B 500 19.64 -18.00 0.21
C SER B 500 19.07 -16.78 -0.51
N VAL B 501 18.57 -17.00 -1.73
CA VAL B 501 17.97 -15.96 -2.55
C VAL B 501 16.59 -16.42 -2.99
N ALA B 502 15.63 -15.49 -2.99
CA ALA B 502 14.27 -15.83 -3.38
C ALA B 502 14.18 -16.00 -4.90
N HIS B 503 13.37 -16.97 -5.32
CA HIS B 503 13.15 -17.26 -6.73
C HIS B 503 11.65 -17.17 -6.99
N LYS B 504 11.24 -16.16 -7.74
CA LYS B 504 9.84 -15.87 -8.00
C LYS B 504 9.53 -16.13 -9.46
N SER B 505 8.54 -16.99 -9.71
CA SER B 505 8.10 -17.31 -11.07
C SER B 505 7.02 -16.32 -11.48
N CYS B 506 7.45 -15.24 -12.14
CA CYS B 506 6.56 -14.18 -12.58
C CYS B 506 6.40 -14.24 -14.10
N LEU B 507 5.17 -14.30 -14.56
CA LEU B 507 4.85 -14.44 -15.99
C LEU B 507 4.50 -13.10 -16.60
N PRO B 508 4.69 -12.94 -17.92
CA PRO B 508 4.30 -11.69 -18.57
C PRO B 508 2.79 -11.49 -18.46
N ALA B 509 2.36 -10.28 -18.83
CA ALA B 509 0.93 -9.97 -18.83
C ALA B 509 0.19 -10.68 -19.96
N CYS B 510 0.89 -11.05 -21.03
CA CYS B 510 0.26 -11.76 -22.13
C CYS B 510 -0.11 -13.20 -21.78
N VAL B 511 0.18 -13.64 -20.56
CA VAL B 511 -0.34 -14.89 -20.04
C VAL B 511 -1.45 -14.66 -19.03
N TYR B 512 -1.30 -13.63 -18.19
CA TYR B 512 -2.35 -13.29 -17.24
C TYR B 512 -3.56 -12.71 -17.94
N GLY B 513 -3.34 -11.94 -19.00
CA GLY B 513 -4.42 -11.31 -19.73
C GLY B 513 -5.46 -12.30 -20.20
N PRO B 514 -5.08 -13.14 -21.19
CA PRO B 514 -6.05 -14.12 -21.70
C PRO B 514 -6.63 -15.02 -20.62
N ALA B 515 -5.87 -15.32 -19.56
CA ALA B 515 -6.39 -16.15 -18.48
C ALA B 515 -7.58 -15.48 -17.82
N VAL B 516 -7.45 -14.20 -17.48
CA VAL B 516 -8.57 -13.48 -16.88
C VAL B 516 -9.72 -13.37 -17.86
N ALA B 517 -9.41 -13.02 -19.11
CA ALA B 517 -10.47 -12.83 -20.11
C ALA B 517 -11.28 -14.10 -20.31
N SER B 518 -10.70 -15.25 -20.04
CA SER B 518 -11.40 -16.53 -20.19
C SER B 518 -12.42 -16.76 -19.10
N GLY B 519 -12.79 -15.75 -18.31
CA GLY B 519 -13.70 -15.94 -17.21
C GLY B 519 -13.05 -16.44 -15.94
N TYR B 520 -11.80 -16.89 -15.99
CA TYR B 520 -11.13 -17.38 -14.80
C TYR B 520 -10.99 -16.26 -13.78
N ASP B 521 -11.33 -16.58 -12.53
CA ASP B 521 -11.22 -15.63 -11.42
C ASP B 521 -10.14 -16.15 -10.47
N PHE B 522 -8.94 -15.59 -10.58
CA PHE B 522 -7.83 -16.03 -9.75
C PHE B 522 -8.08 -15.75 -8.27
N GLU B 523 -8.84 -14.70 -7.95
CA GLU B 523 -9.02 -14.34 -6.55
C GLU B 523 -9.84 -15.40 -5.82
N LYS B 524 -10.92 -15.88 -6.43
CA LYS B 524 -11.72 -16.92 -5.79
C LYS B 524 -11.06 -18.29 -5.89
N GLU B 525 -10.39 -18.56 -7.00
CA GLU B 525 -9.71 -19.85 -7.16
C GLU B 525 -8.38 -19.89 -6.41
N GLY B 526 -7.75 -18.74 -6.21
CA GLY B 526 -6.47 -18.69 -5.53
C GLY B 526 -5.30 -18.90 -6.47
N TYR B 527 -4.14 -18.42 -6.04
CA TYR B 527 -2.94 -18.49 -6.87
C TYR B 527 -1.70 -18.42 -5.99
N SER B 528 -0.68 -19.17 -6.37
CA SER B 528 0.60 -19.19 -5.68
C SER B 528 1.71 -19.30 -6.70
N LEU B 529 2.84 -18.67 -6.41
CA LEU B 529 3.96 -18.65 -7.36
C LEU B 529 4.93 -19.81 -7.18
N VAL B 530 4.78 -20.61 -6.13
CA VAL B 530 5.80 -21.61 -5.79
C VAL B 530 5.44 -23.01 -6.24
N GLY B 531 4.19 -23.28 -6.59
CA GLY B 531 3.78 -24.63 -6.90
C GLY B 531 3.45 -24.87 -8.35
N ILE B 532 2.40 -25.66 -8.59
CA ILE B 532 1.97 -26.00 -9.94
C ILE B 532 1.18 -24.89 -10.60
N ASP B 533 0.75 -23.89 -9.85
CA ASP B 533 -0.12 -22.85 -10.41
C ASP B 533 0.51 -22.16 -11.61
N PRO B 534 1.75 -21.66 -11.55
CA PRO B 534 2.34 -21.05 -12.76
C PRO B 534 2.64 -22.05 -13.86
N PHE B 535 2.88 -23.32 -13.51
CA PHE B 535 3.15 -24.32 -14.54
C PHE B 535 1.93 -24.59 -15.40
N LYS B 536 0.74 -24.62 -14.78
CA LYS B 536 -0.47 -24.88 -15.55
C LYS B 536 -0.85 -23.70 -16.42
N LEU B 537 -0.60 -22.47 -15.97
CA LEU B 537 -0.89 -21.31 -16.80
C LEU B 537 -0.06 -21.32 -18.07
N LEU B 538 1.22 -21.68 -17.96
CA LEU B 538 2.06 -21.76 -19.15
C LEU B 538 1.66 -22.93 -20.04
N GLN B 539 1.31 -24.06 -19.44
CA GLN B 539 0.90 -25.22 -20.22
C GLN B 539 -0.32 -24.90 -21.08
N ASN B 540 -1.28 -24.16 -20.52
CA ASN B 540 -2.50 -23.78 -21.21
C ASN B 540 -2.41 -22.41 -21.87
N SER B 541 -1.21 -21.96 -22.22
CA SER B 541 -1.00 -20.63 -22.78
C SER B 541 -0.63 -20.73 -24.25
N GLN B 542 -0.84 -19.61 -24.96
CA GLN B 542 -0.39 -19.45 -26.33
C GLN B 542 0.19 -18.05 -26.46
N VAL B 543 1.51 -17.95 -26.45
CA VAL B 543 2.23 -16.68 -26.54
C VAL B 543 3.09 -16.69 -27.79
N TYR B 544 3.16 -15.55 -28.46
CA TYR B 544 3.94 -15.39 -29.68
C TYR B 544 5.07 -14.39 -29.43
N SER B 545 6.09 -14.46 -30.27
CA SER B 545 7.20 -13.53 -30.18
C SER B 545 7.73 -13.28 -31.59
N LEU B 546 8.09 -12.02 -31.87
CA LEU B 546 8.78 -11.72 -33.12
C LEU B 546 10.12 -12.45 -33.15
N ILE B 547 10.46 -12.98 -34.33
CA ILE B 547 11.66 -13.77 -34.53
C ILE B 547 12.52 -13.06 -35.57
N ARG B 548 13.79 -12.88 -35.26
CA ARG B 548 14.69 -12.27 -36.23
C ARG B 548 15.15 -13.32 -37.25
N PRO B 549 15.49 -12.90 -38.47
CA PRO B 549 16.06 -13.85 -39.42
C PRO B 549 17.28 -14.56 -38.82
N ASN B 550 17.26 -15.89 -38.92
CA ASN B 550 18.29 -16.85 -38.52
C ASN B 550 18.19 -17.27 -37.05
N GLU B 551 17.26 -16.71 -36.29
CA GLU B 551 17.08 -17.14 -34.90
C GLU B 551 16.27 -18.43 -34.84
N ASN B 552 16.58 -19.26 -33.84
CA ASN B 552 15.93 -20.54 -33.67
C ASN B 552 14.73 -20.39 -32.76
N PRO B 553 13.49 -20.53 -33.27
CA PRO B 553 12.33 -20.28 -32.40
C PRO B 553 12.26 -21.17 -31.18
N ALA B 554 12.80 -22.39 -31.26
CA ALA B 554 12.83 -23.25 -30.08
C ALA B 554 13.78 -22.69 -29.03
N HIS B 555 14.85 -22.02 -29.45
CA HIS B 555 15.80 -21.48 -28.49
C HIS B 555 15.28 -20.22 -27.82
N LYS B 556 14.64 -19.33 -28.58
CA LYS B 556 13.98 -18.19 -27.95
C LYS B 556 12.87 -18.67 -27.02
N SER B 557 12.19 -19.77 -27.37
CA SER B 557 11.22 -20.36 -26.46
C SER B 557 11.88 -20.69 -25.12
N GLN B 558 13.04 -21.34 -25.16
CA GLN B 558 13.75 -21.64 -23.92
C GLN B 558 14.06 -20.36 -23.15
N LEU B 559 14.50 -19.32 -23.86
CA LEU B 559 14.76 -18.04 -23.20
C LEU B 559 13.59 -17.62 -22.33
N VAL B 560 12.39 -17.58 -22.92
CA VAL B 560 11.23 -17.06 -22.20
C VAL B 560 10.79 -18.05 -21.13
N TRP B 561 10.86 -19.35 -21.42
CA TRP B 561 10.45 -20.34 -20.43
C TRP B 561 11.30 -20.22 -19.17
N MET B 562 12.63 -20.20 -19.33
CA MET B 562 13.50 -20.04 -18.17
C MET B 562 13.20 -18.76 -17.42
N ALA B 563 12.99 -17.66 -18.16
CA ALA B 563 12.70 -16.37 -17.51
C ALA B 563 11.45 -16.46 -16.64
N CYS B 564 10.36 -16.98 -17.21
CA CYS B 564 9.11 -17.08 -16.44
C CYS B 564 9.27 -17.93 -15.20
N ASN B 565 10.16 -18.92 -15.25
CA ASN B 565 10.41 -19.81 -14.12
C ASN B 565 11.63 -19.40 -13.31
N SER B 566 12.21 -18.24 -13.62
CA SER B 566 13.39 -17.75 -12.89
C SER B 566 14.41 -18.86 -12.68
N ALA B 567 14.66 -19.65 -13.71
CA ALA B 567 15.52 -20.83 -13.59
C ALA B 567 16.90 -20.62 -14.19
N ALA B 568 17.29 -19.36 -14.46
CA ALA B 568 18.56 -19.11 -15.10
C ALA B 568 19.73 -19.63 -14.27
N PHE B 569 19.59 -19.65 -12.94
CA PHE B 569 20.69 -19.96 -12.04
C PHE B 569 20.58 -21.36 -11.45
N GLU B 570 19.73 -22.22 -12.01
CA GLU B 570 19.57 -23.59 -11.55
C GLU B 570 20.29 -24.52 -12.53
N ASP B 571 20.45 -25.77 -12.09
CA ASP B 571 21.24 -26.72 -12.86
C ASP B 571 20.50 -27.15 -14.13
N LEU B 572 21.23 -27.18 -15.25
CA LEU B 572 20.58 -27.37 -16.55
C LEU B 572 20.08 -28.81 -16.73
N ARG B 573 20.85 -29.81 -16.27
CA ARG B 573 20.35 -31.16 -16.39
C ARG B 573 19.14 -31.40 -15.48
N VAL B 574 19.00 -30.61 -14.41
CA VAL B 574 17.78 -30.67 -13.62
C VAL B 574 16.62 -30.07 -14.38
N LEU B 575 16.82 -28.87 -14.94
CA LEU B 575 15.78 -28.24 -15.75
C LEU B 575 15.46 -29.08 -16.99
N SER B 576 16.48 -29.73 -17.57
CA SER B 576 16.22 -30.59 -18.73
C SER B 576 15.24 -31.70 -18.38
N PHE B 577 15.37 -32.27 -17.17
CA PHE B 577 14.44 -33.31 -16.75
C PHE B 577 13.02 -32.75 -16.61
N ILE B 578 12.90 -31.56 -16.02
CA ILE B 578 11.58 -30.96 -15.82
C ILE B 578 10.94 -30.64 -17.17
N ARG B 579 11.71 -30.09 -18.10
CA ARG B 579 11.16 -29.67 -19.38
C ARG B 579 10.84 -30.85 -20.30
N GLY B 580 11.46 -32.00 -20.07
CA GLY B 580 11.40 -33.07 -21.04
C GLY B 580 12.20 -32.82 -22.29
N THR B 581 12.94 -31.72 -22.35
CA THR B 581 13.75 -31.33 -23.48
C THR B 581 15.09 -30.86 -22.96
N LYS B 582 16.14 -31.00 -23.77
CA LYS B 582 17.43 -30.47 -23.37
C LYS B 582 17.34 -28.96 -23.21
N VAL B 583 17.72 -28.46 -22.04
CA VAL B 583 17.84 -27.03 -21.78
C VAL B 583 19.32 -26.70 -21.83
N SER B 584 19.73 -25.96 -22.85
CA SER B 584 21.14 -25.74 -23.15
C SER B 584 21.64 -24.46 -22.53
N PRO B 585 22.95 -24.33 -22.33
CA PRO B 585 23.49 -23.08 -21.79
C PRO B 585 23.34 -21.94 -22.80
N ARG B 586 23.37 -20.72 -22.26
CA ARG B 586 23.15 -19.54 -23.09
C ARG B 586 24.10 -19.50 -24.27
N GLY B 587 25.34 -19.94 -24.08
CA GLY B 587 26.32 -19.85 -25.15
C GLY B 587 25.94 -20.64 -26.39
N LYS B 588 25.13 -21.68 -26.23
CA LYS B 588 24.78 -22.57 -27.33
C LYS B 588 23.46 -22.22 -27.99
N LEU B 589 22.82 -21.13 -27.59
CA LEU B 589 21.52 -20.76 -28.11
C LEU B 589 21.68 -19.85 -29.33
N SER B 590 21.06 -20.25 -30.44
CA SER B 590 21.03 -19.42 -31.65
C SER B 590 19.86 -18.46 -31.58
N THR B 591 19.96 -17.52 -30.64
CA THR B 591 18.93 -16.51 -30.45
C THR B 591 19.50 -15.35 -29.67
N ARG B 592 18.78 -14.23 -29.71
CA ARG B 592 19.16 -13.03 -28.96
C ARG B 592 17.92 -12.55 -28.20
N GLY B 593 17.95 -11.29 -27.77
CA GLY B 593 16.95 -10.79 -26.85
C GLY B 593 15.54 -10.78 -27.42
N VAL B 594 14.57 -10.78 -26.52
CA VAL B 594 13.17 -10.72 -26.93
C VAL B 594 12.85 -9.34 -27.48
N GLN B 595 13.27 -8.29 -26.79
CA GLN B 595 12.97 -6.93 -27.20
C GLN B 595 13.68 -6.60 -28.51
N ILE B 596 13.02 -5.79 -29.34
CA ILE B 596 13.54 -5.40 -30.65
C ILE B 596 14.02 -3.95 -30.54
N ALA B 597 15.32 -3.75 -30.64
CA ALA B 597 15.85 -2.39 -30.68
C ALA B 597 15.26 -1.63 -31.87
N SER B 598 15.10 -0.32 -31.70
CA SER B 598 14.54 0.49 -32.77
C SER B 598 15.46 0.60 -33.97
N ASN B 599 16.69 0.11 -33.87
CA ASN B 599 17.60 0.10 -35.02
C ASN B 599 17.18 -0.90 -36.09
N GLU B 600 16.39 -1.90 -35.72
CA GLU B 600 16.24 -3.11 -36.53
C GLU B 600 15.17 -2.95 -37.59
N ASN B 601 15.42 -3.54 -38.76
CA ASN B 601 14.49 -3.53 -39.87
C ASN B 601 13.37 -4.54 -39.63
N MET B 602 12.13 -4.08 -39.75
CA MET B 602 11.00 -4.94 -39.46
C MET B 602 10.57 -5.79 -40.66
N ASP B 603 10.87 -5.38 -41.89
CA ASP B 603 10.35 -6.13 -43.02
C ASP B 603 10.92 -7.54 -43.05
N ALA B 604 12.09 -7.75 -42.45
CA ALA B 604 12.70 -9.08 -42.43
C ALA B 604 12.30 -9.91 -41.22
N MET B 605 11.44 -9.41 -40.34
CA MET B 605 11.10 -10.12 -39.12
C MET B 605 9.80 -10.90 -39.28
N GLU B 606 9.74 -12.05 -38.59
CA GLU B 606 8.61 -12.97 -38.64
C GLU B 606 8.06 -13.15 -37.22
N SER B 607 7.09 -14.04 -37.08
CA SER B 607 6.52 -14.37 -35.77
C SER B 607 6.45 -15.88 -35.62
N SER B 608 6.50 -16.33 -34.36
CA SER B 608 6.44 -17.75 -34.06
C SER B 608 5.74 -17.92 -32.71
N THR B 609 5.20 -19.11 -32.50
CA THR B 609 4.58 -19.47 -31.23
C THR B 609 5.65 -20.03 -30.30
N LEU B 610 5.74 -19.47 -29.10
CA LEU B 610 6.69 -19.95 -28.12
C LEU B 610 6.19 -21.24 -27.48
N GLU B 611 7.09 -22.21 -27.36
CA GLU B 611 6.78 -23.45 -26.64
C GLU B 611 7.17 -23.26 -25.18
N LEU B 612 6.21 -22.91 -24.34
CA LEU B 612 6.42 -22.69 -22.92
C LEU B 612 5.94 -23.85 -22.06
N ARG B 613 5.59 -24.97 -22.69
CA ARG B 613 5.10 -26.12 -21.95
C ARG B 613 6.24 -26.88 -21.28
N SER B 614 5.88 -27.80 -20.39
CA SER B 614 6.84 -28.58 -19.63
C SER B 614 6.26 -29.95 -19.39
N ARG B 615 7.14 -30.94 -19.24
CA ARG B 615 6.69 -32.31 -19.02
C ARG B 615 6.29 -32.54 -17.55
N TYR B 616 7.02 -31.92 -16.62
CA TYR B 616 6.75 -32.04 -15.20
C TYR B 616 6.72 -30.65 -14.57
N TRP B 617 6.47 -30.61 -13.26
CA TRP B 617 6.57 -29.40 -12.47
C TRP B 617 7.30 -29.72 -11.18
N ALA B 618 7.72 -28.69 -10.46
CA ALA B 618 8.49 -28.88 -9.24
C ALA B 618 8.15 -27.78 -8.24
N ILE B 619 8.58 -27.99 -7.00
CA ILE B 619 8.31 -27.08 -5.89
C ILE B 619 9.63 -26.58 -5.33
N ARG B 620 9.61 -25.35 -4.82
CA ARG B 620 10.82 -24.72 -4.27
C ARG B 620 10.68 -24.48 -2.77
N SER B 669 41.03 -12.39 9.65
CA SER B 669 41.37 -13.64 8.97
C SER B 669 40.94 -14.85 9.80
N ASP B 670 40.16 -14.61 10.85
CA ASP B 670 39.69 -15.70 11.68
C ASP B 670 38.47 -16.38 11.08
N MET B 671 37.44 -15.62 10.75
CA MET B 671 36.25 -16.19 10.11
C MET B 671 36.54 -16.66 8.69
N ARG B 672 37.56 -16.09 8.03
CA ARG B 672 37.95 -16.56 6.72
C ARG B 672 38.38 -18.02 6.78
N ALA B 673 39.21 -18.37 7.77
CA ALA B 673 39.65 -19.76 7.92
C ALA B 673 38.46 -20.68 8.20
N GLU B 674 37.53 -20.24 9.04
CA GLU B 674 36.38 -21.08 9.37
C GLU B 674 35.50 -21.31 8.15
N ILE B 675 35.47 -20.35 7.22
CA ILE B 675 34.67 -20.54 6.00
C ILE B 675 35.36 -21.51 5.06
N ILE B 676 36.69 -21.46 5.00
CA ILE B 676 37.42 -22.40 4.14
C ILE B 676 37.23 -23.82 4.64
N ARG B 677 37.13 -24.01 5.95
CA ARG B 677 36.87 -25.33 6.49
C ARG B 677 35.54 -25.88 5.98
N MET B 678 34.49 -25.07 6.06
CA MET B 678 33.17 -25.53 5.64
C MET B 678 33.10 -25.76 4.13
N MET B 679 33.94 -25.06 3.37
CA MET B 679 33.87 -25.16 1.91
C MET B 679 34.54 -26.45 1.41
N GLU B 680 35.73 -26.75 1.93
CA GLU B 680 36.44 -27.95 1.48
C GLU B 680 35.68 -29.23 1.82
N GLY B 681 34.65 -29.15 2.67
CA GLY B 681 33.77 -30.29 2.84
C GLY B 681 32.87 -30.50 1.64
N ALA B 682 32.33 -29.42 1.09
CA ALA B 682 31.49 -29.49 -0.10
C ALA B 682 30.37 -30.51 0.05
N GLY B 691 16.14 -28.62 -2.65
CA GLY B 691 15.11 -29.54 -2.24
C GLY B 691 13.92 -29.55 -3.18
N ARG B 692 14.20 -29.79 -4.46
CA ARG B 692 13.17 -29.76 -5.50
C ARG B 692 12.61 -31.16 -5.71
N GLY B 693 11.32 -31.33 -5.45
CA GLY B 693 10.60 -32.55 -5.80
C GLY B 693 9.81 -32.34 -7.07
N VAL B 694 9.85 -33.33 -7.95
CA VAL B 694 9.28 -33.21 -9.30
C VAL B 694 8.07 -34.13 -9.41
N PHE B 695 7.02 -33.63 -10.05
CA PHE B 695 5.76 -34.34 -10.17
C PHE B 695 5.18 -34.10 -11.56
N GLU B 696 4.22 -34.95 -11.93
CA GLU B 696 3.52 -34.80 -13.20
C GLU B 696 2.42 -33.76 -13.07
N LEU B 697 2.13 -33.08 -14.18
CA LEU B 697 1.06 -32.08 -14.19
C LEU B 697 -0.29 -32.69 -13.81
N SER B 698 -0.39 -34.03 -13.77
CA SER B 698 -1.60 -34.68 -13.30
C SER B 698 -1.62 -34.81 -11.78
N ASP B 699 -0.45 -34.90 -11.15
CA ASP B 699 -0.35 -35.05 -9.70
C ASP B 699 -0.39 -33.65 -9.08
N GLU B 700 -1.60 -33.13 -8.94
CA GLU B 700 -1.81 -31.79 -8.41
C GLU B 700 -1.85 -31.77 -6.89
N LYS B 701 -1.31 -32.79 -6.22
CA LYS B 701 -1.21 -32.81 -4.78
C LYS B 701 0.16 -33.26 -4.30
N ALA B 702 1.15 -33.34 -5.19
CA ALA B 702 2.52 -33.72 -4.83
C ALA B 702 2.54 -35.04 -4.07
N ALA B 703 1.88 -36.05 -4.64
CA ALA B 703 1.77 -37.36 -4.01
C ALA B 703 2.89 -38.31 -4.43
N ASN B 704 3.39 -38.18 -5.66
CA ASN B 704 4.38 -39.11 -6.20
C ASN B 704 5.57 -38.33 -6.75
N PRO B 705 6.59 -38.06 -5.93
CA PRO B 705 7.80 -37.44 -6.46
C PRO B 705 8.48 -38.36 -7.46
N ILE B 706 8.97 -37.77 -8.54
CA ILE B 706 9.59 -38.55 -9.62
C ILE B 706 11.09 -38.65 -9.39
N VAL B 707 11.64 -39.83 -9.67
CA VAL B 707 13.09 -40.03 -9.61
C VAL B 707 13.74 -39.29 -10.77
N PRO B 708 14.75 -38.45 -10.52
CA PRO B 708 15.38 -37.72 -11.63
C PRO B 708 16.32 -38.62 -12.43
N SER B 709 16.33 -38.40 -13.74
CA SER B 709 17.23 -39.10 -14.66
C SER B 709 18.24 -38.07 -15.17
N PHE B 710 19.23 -37.78 -14.34
CA PHE B 710 20.21 -36.75 -14.66
C PHE B 710 21.26 -37.30 -15.60
N ASP B 711 21.31 -36.74 -16.81
CA ASP B 711 22.35 -37.07 -17.79
C ASP B 711 23.46 -36.05 -17.62
N MET B 712 24.51 -36.43 -16.88
CA MET B 712 25.65 -35.53 -16.66
C MET B 712 26.47 -35.30 -17.92
N SER B 713 25.96 -35.80 -19.06
CA SER B 713 26.49 -35.41 -20.36
C SER B 713 26.65 -33.89 -20.44
N ASN B 714 25.62 -33.17 -20.04
CA ASN B 714 25.52 -31.73 -20.27
C ASN B 714 26.16 -30.94 -19.15
N GLU B 715 26.51 -29.70 -19.47
CA GLU B 715 26.94 -28.76 -18.46
C GLU B 715 25.78 -28.43 -17.53
N GLY B 716 26.11 -28.16 -16.28
CA GLY B 716 25.09 -27.78 -15.32
C GLY B 716 24.86 -26.29 -15.18
N SER B 717 25.70 -25.47 -15.80
CA SER B 717 25.63 -24.02 -15.62
C SER B 717 25.10 -23.37 -16.89
N TYR B 718 24.07 -22.53 -16.73
CA TYR B 718 23.51 -21.79 -17.85
C TYR B 718 24.55 -20.89 -18.51
N PHE B 719 25.58 -20.48 -17.76
CA PHE B 719 26.52 -19.48 -18.22
C PHE B 719 27.84 -20.07 -18.68
N PHE B 720 27.94 -21.39 -18.78
CA PHE B 720 29.15 -21.99 -19.33
C PHE B 720 29.27 -21.65 -20.80
N GLY B 721 30.43 -21.13 -21.19
CA GLY B 721 30.62 -20.69 -22.56
C GLY B 721 29.74 -19.52 -22.93
N ASP B 722 29.36 -18.71 -21.96
CA ASP B 722 28.45 -17.60 -22.22
C ASP B 722 28.99 -16.67 -23.30
N ASN B 723 28.08 -16.22 -24.18
CA ASN B 723 28.46 -15.29 -25.23
C ASN B 723 27.36 -14.28 -25.53
N ALA B 724 26.44 -14.06 -24.60
CA ALA B 724 25.31 -13.18 -24.84
C ALA B 724 25.76 -11.72 -24.83
N GLU B 725 24.83 -10.84 -25.18
CA GLU B 725 25.10 -9.41 -25.22
C GLU B 725 25.16 -8.85 -23.80
N GLU B 726 26.10 -7.94 -23.58
CA GLU B 726 26.27 -7.36 -22.25
C GLU B 726 25.19 -6.33 -21.97
N TYR B 727 24.65 -6.39 -20.74
CA TYR B 727 23.78 -5.33 -20.25
C TYR B 727 24.61 -4.06 -20.06
N ASP B 728 24.20 -2.98 -20.72
CA ASP B 728 24.95 -1.72 -20.64
C ASP B 728 26.37 -1.91 -21.14
#